data_7QZN
#
_entry.id   7QZN
#
_cell.length_a   51.017
_cell.length_b   86.227
_cell.length_c   142.939
_cell.angle_alpha   90.000
_cell.angle_beta   90.000
_cell.angle_gamma   90.000
#
_symmetry.space_group_name_H-M   'P 21 21 21'
#
loop_
_entity.id
_entity.type
_entity.pdbx_description
1 polymer 'Amine Dehydrogenase'
2 non-polymer NICOTINAMIDE-ADENINE-DINUCLEOTIDE
3 non-polymer 2-AMINO-2-HYDROXYMETHYL-PROPANE-1,3-DIOL
4 water water
#
_entity_poly.entity_id   1
_entity_poly.type   'polypeptide(L)'
_entity_poly.pdbx_seq_one_letter_code
;VPRGSSKRPIRIIQWGCGLMGQTLIRTLREKGAELVGAIDHNAARRDRDAGEVAGLGQSLGVRIHPPDQADAVFREARAD
VCILCTRSIMSELAGALRVAARHGVNAITIGEEAFYPWTTSQALTEELDQLARANDCTLTGSGFQDVFAGNLITVLAGAT
HRIDRIVGLTQYNADDYGSALAQKHGVGLDPETFAARIGASNSPSYVWNSNEWLCAQLGWRVRDIRQQLLPTTHTGTLRS
ASLGREVPAGHATGMKAVVVTETHEGPVIETHCVGKLYAPGEVDLNEWTLRGEPDTTVTIRQPATPALTCATVLNRLPQL
LAAPPGFVTTDRFTPATYVSRLETEA
;
_entity_poly.pdbx_strand_id   A,B
#
# COMPACT_ATOMS: atom_id res chain seq x y z
N SER A 6 8.98 21.88 22.11
CA SER A 6 9.58 20.63 22.64
C SER A 6 8.66 19.45 22.32
N LYS A 7 9.12 18.26 22.70
CA LYS A 7 8.39 16.99 22.53
C LYS A 7 8.22 16.34 23.91
N ARG A 8 7.16 15.58 24.10
CA ARG A 8 6.98 14.74 25.32
C ARG A 8 6.59 13.33 24.88
N PRO A 9 6.78 12.32 25.76
CA PRO A 9 6.29 10.96 25.49
C PRO A 9 4.80 10.97 25.26
N ILE A 10 4.33 10.19 24.29
CA ILE A 10 2.89 9.81 24.29
C ILE A 10 2.64 8.93 25.51
N ARG A 11 1.58 9.26 26.26
CA ARG A 11 1.22 8.58 27.52
C ARG A 11 0.13 7.55 27.21
N ILE A 12 0.44 6.29 27.47
CA ILE A 12 -0.41 5.14 27.05
C ILE A 12 -0.91 4.36 28.27
N ILE A 13 -2.18 4.02 28.26
CA ILE A 13 -2.76 2.97 29.12
C ILE A 13 -2.87 1.70 28.30
N GLN A 14 -2.26 0.60 28.74
CA GLN A 14 -2.44 -0.71 28.11
C GLN A 14 -3.57 -1.45 28.81
N TRP A 15 -4.64 -1.74 28.08
CA TRP A 15 -5.81 -2.48 28.63
C TRP A 15 -5.79 -3.83 27.96
N GLY A 16 -5.39 -4.84 28.72
CA GLY A 16 -5.15 -6.19 28.22
C GLY A 16 -3.65 -6.40 28.14
N CYS A 17 -3.08 -7.15 29.11
CA CYS A 17 -1.63 -7.29 29.28
C CYS A 17 -1.26 -8.75 29.02
N GLY A 18 -1.92 -9.37 28.05
CA GLY A 18 -1.55 -10.72 27.63
C GLY A 18 -0.49 -10.66 26.55
N LEU A 19 -0.48 -11.63 25.65
CA LEU A 19 0.63 -11.76 24.66
C LEU A 19 0.84 -10.44 23.90
N MET A 20 -0.19 -9.88 23.25
CA MET A 20 -0.04 -8.69 22.40
C MET A 20 0.24 -7.46 23.30
N GLY A 21 -0.46 -7.33 24.43
CA GLY A 21 -0.26 -6.19 25.35
C GLY A 21 1.17 -6.18 25.86
N GLN A 22 1.75 -7.34 26.15
CA GLN A 22 3.16 -7.40 26.62
C GLN A 22 4.10 -6.91 25.51
N THR A 23 3.88 -7.33 24.26
CA THR A 23 4.70 -6.87 23.14
C THR A 23 4.60 -5.34 23.03
N LEU A 24 3.38 -4.80 23.18
CA LEU A 24 3.16 -3.35 23.05
C LEU A 24 3.86 -2.59 24.17
N ILE A 25 3.79 -3.07 25.40
CA ILE A 25 4.48 -2.42 26.57
C ILE A 25 5.96 -2.31 26.23
N ARG A 26 6.60 -3.41 25.80
CA ARG A 26 8.03 -3.38 25.45
C ARG A 26 8.29 -2.41 24.30
N THR A 27 7.52 -2.51 23.19
CA THR A 27 7.84 -1.77 21.96
C THR A 27 7.49 -0.28 22.11
N LEU A 28 6.43 0.07 22.84
CA LEU A 28 6.06 1.48 22.99
C LEU A 28 7.19 2.20 23.73
N ARG A 29 7.82 1.52 24.69
CA ARG A 29 8.88 2.14 25.53
C ARG A 29 10.11 2.31 24.64
N GLU A 30 10.39 1.31 23.78
CA GLU A 30 11.53 1.40 22.83
C GLU A 30 11.41 2.65 21.96
N LYS A 31 10.20 3.11 21.60
CA LYS A 31 10.00 4.28 20.73
C LYS A 31 9.82 5.58 21.52
N GLY A 32 9.94 5.54 22.87
CA GLY A 32 9.95 6.79 23.66
C GLY A 32 8.58 7.14 24.23
N ALA A 33 7.56 6.29 24.06
CA ALA A 33 6.27 6.47 24.75
C ALA A 33 6.44 6.05 26.21
N GLU A 34 5.49 6.46 27.03
CA GLU A 34 5.48 6.11 28.47
C GLU A 34 4.21 5.34 28.79
N LEU A 35 4.35 4.15 29.35
CA LEU A 35 3.23 3.42 29.95
C LEU A 35 2.84 4.14 31.26
N VAL A 36 1.59 4.60 31.35
CA VAL A 36 1.10 5.31 32.56
C VAL A 36 -0.06 4.59 33.21
N GLY A 37 -0.49 3.45 32.69
CA GLY A 37 -1.56 2.65 33.28
C GLY A 37 -1.58 1.28 32.65
N ALA A 38 -2.10 0.30 33.36
CA ALA A 38 -2.21 -1.08 32.86
C ALA A 38 -3.40 -1.71 33.52
N ILE A 39 -4.25 -2.32 32.71
CA ILE A 39 -5.49 -2.98 33.20
C ILE A 39 -5.50 -4.40 32.63
N ASP A 40 -5.84 -5.38 33.46
CA ASP A 40 -6.04 -6.79 33.04
C ASP A 40 -6.89 -7.50 34.09
N HIS A 41 -7.78 -8.42 33.70
CA HIS A 41 -8.61 -9.14 34.71
C HIS A 41 -7.94 -10.47 35.10
N ASN A 42 -6.87 -10.87 34.41
CA ASN A 42 -6.21 -12.18 34.64
C ASN A 42 -5.65 -12.24 36.08
N ALA A 43 -6.07 -13.25 36.84
CA ALA A 43 -5.72 -13.46 38.26
C ALA A 43 -4.19 -13.53 38.45
N ALA A 44 -3.47 -14.06 37.47
CA ALA A 44 -2.00 -14.22 37.52
C ALA A 44 -1.28 -12.88 37.29
N ARG A 45 -1.91 -11.90 36.64
CA ARG A 45 -1.26 -10.60 36.30
C ARG A 45 -1.76 -9.47 37.22
N ARG A 46 -2.98 -9.58 37.73
CA ARG A 46 -3.53 -8.61 38.72
C ARG A 46 -2.42 -8.25 39.73
N ASP A 47 -2.18 -6.96 39.95
CA ASP A 47 -1.40 -6.43 41.11
C ASP A 47 0.11 -6.48 40.83
N ARG A 48 0.53 -7.13 39.76
CA ARG A 48 1.96 -7.19 39.39
C ARG A 48 2.34 -5.94 38.62
N ASP A 49 3.63 -5.65 38.59
CA ASP A 49 4.17 -4.52 37.82
C ASP A 49 4.10 -4.87 36.32
N ALA A 50 3.64 -3.93 35.50
CA ALA A 50 3.45 -4.16 34.05
C ALA A 50 4.80 -4.46 33.38
N GLY A 51 5.90 -3.85 33.83
CA GLY A 51 7.25 -4.12 33.30
C GLY A 51 7.64 -5.56 33.54
N GLU A 52 7.36 -6.08 34.73
CA GLU A 52 7.64 -7.49 35.08
C GLU A 52 6.83 -8.44 34.18
N VAL A 53 5.54 -8.19 34.05
CA VAL A 53 4.64 -9.03 33.23
C VAL A 53 5.11 -9.00 31.76
N ALA A 54 5.64 -7.87 31.30
CA ALA A 54 6.04 -7.70 29.89
C ALA A 54 7.47 -8.22 29.65
N GLY A 55 8.12 -8.78 30.68
CA GLY A 55 9.45 -9.41 30.55
C GLY A 55 10.59 -8.40 30.56
N LEU A 56 10.36 -7.18 31.07
CA LEU A 56 11.40 -6.12 31.07
C LEU A 56 12.39 -6.41 32.20
N GLY A 57 13.57 -5.83 32.09
CA GLY A 57 14.64 -5.90 33.11
C GLY A 57 14.35 -4.97 34.27
N GLN A 58 13.39 -4.05 34.15
CA GLN A 58 13.09 -3.07 35.23
C GLN A 58 11.61 -3.05 35.57
N SER A 59 11.31 -2.73 36.82
CA SER A 59 9.93 -2.40 37.26
C SER A 59 9.58 -1.01 36.68
N LEU A 60 8.34 -0.80 36.21
CA LEU A 60 7.93 0.52 35.65
C LEU A 60 7.28 1.38 36.74
N GLY A 61 6.88 0.78 37.86
CA GLY A 61 6.00 1.44 38.84
C GLY A 61 4.61 1.66 38.27
N VAL A 62 4.18 0.74 37.42
CA VAL A 62 2.81 0.75 36.84
C VAL A 62 2.16 -0.57 37.23
N ARG A 63 1.30 -0.55 38.23
CA ARG A 63 0.65 -1.77 38.78
C ARG A 63 -0.51 -2.13 37.86
N ILE A 64 -0.67 -3.40 37.54
CA ILE A 64 -1.81 -3.88 36.72
C ILE A 64 -3.04 -3.88 37.65
N HIS A 65 -4.06 -3.13 37.26
CA HIS A 65 -5.34 -2.99 37.97
C HIS A 65 -6.36 -3.86 37.27
N PRO A 66 -7.35 -4.43 37.99
CA PRO A 66 -8.47 -5.12 37.39
C PRO A 66 -9.36 -4.05 36.76
N PRO A 67 -10.15 -4.42 35.75
CA PRO A 67 -11.00 -3.49 35.05
C PRO A 67 -12.06 -2.77 35.89
N ASP A 68 -12.45 -3.33 37.05
CA ASP A 68 -13.43 -2.66 37.96
C ASP A 68 -12.80 -1.40 38.55
N GLN A 69 -11.46 -1.25 38.44
CA GLN A 69 -10.71 -0.04 38.91
C GLN A 69 -10.26 0.84 37.73
N ALA A 70 -10.77 0.60 36.53
CA ALA A 70 -10.34 1.33 35.31
C ALA A 70 -10.56 2.84 35.44
N ASP A 71 -11.69 3.28 35.97
CA ASP A 71 -11.96 4.74 36.10
C ASP A 71 -10.82 5.37 36.92
N ALA A 72 -10.42 4.75 38.03
CA ALA A 72 -9.43 5.35 38.92
C ALA A 72 -8.10 5.40 38.15
N VAL A 73 -7.75 4.36 37.38
CA VAL A 73 -6.45 4.45 36.62
C VAL A 73 -6.54 5.52 35.51
N PHE A 74 -7.67 5.70 34.84
CA PHE A 74 -7.81 6.80 33.83
C PHE A 74 -7.67 8.16 34.51
N ARG A 75 -8.33 8.34 35.67
CA ARG A 75 -8.30 9.66 36.34
C ARG A 75 -6.86 10.00 36.71
N GLU A 76 -6.12 9.03 37.21
CA GLU A 76 -4.78 9.22 37.78
C GLU A 76 -3.77 9.41 36.65
N ALA A 77 -3.95 8.73 35.51
CA ALA A 77 -2.87 8.52 34.51
C ALA A 77 -2.67 9.72 33.57
N ARG A 78 -3.67 10.57 33.33
CA ARG A 78 -3.57 11.68 32.33
C ARG A 78 -2.98 11.11 31.02
N ALA A 79 -3.59 10.06 30.53
CA ALA A 79 -3.17 9.38 29.29
C ALA A 79 -3.62 10.14 28.05
N ASP A 80 -2.83 10.03 26.99
CA ASP A 80 -3.16 10.42 25.60
C ASP A 80 -3.97 9.34 24.90
N VAL A 81 -3.67 8.08 25.16
CA VAL A 81 -4.30 6.96 24.42
C VAL A 81 -4.39 5.73 25.32
N CYS A 82 -5.47 4.95 25.12
CA CYS A 82 -5.63 3.59 25.62
C CYS A 82 -5.49 2.63 24.42
N ILE A 83 -4.60 1.65 24.54
CA ILE A 83 -4.49 0.54 23.56
C ILE A 83 -5.19 -0.66 24.18
N LEU A 84 -6.15 -1.22 23.46
CA LEU A 84 -7.05 -2.26 24.00
C LEU A 84 -6.79 -3.55 23.25
N CYS A 85 -6.21 -4.51 23.95
CA CYS A 85 -5.88 -5.87 23.45
C CYS A 85 -6.50 -6.93 24.37
N THR A 86 -7.79 -7.23 24.20
CA THR A 86 -8.58 -8.05 25.11
C THR A 86 -9.36 -9.10 24.34
N ARG A 87 -10.42 -8.68 23.67
CA ARG A 87 -11.39 -9.61 23.04
C ARG A 87 -11.53 -9.25 21.56
N SER A 88 -12.38 -9.98 20.83
CA SER A 88 -12.49 -9.89 19.35
C SER A 88 -13.77 -9.18 18.92
N ILE A 89 -14.82 -9.23 19.73
CA ILE A 89 -16.16 -8.78 19.27
C ILE A 89 -16.52 -7.49 19.98
N MET A 90 -17.27 -6.63 19.29
CA MET A 90 -17.61 -5.30 19.80
C MET A 90 -18.30 -5.41 21.18
N SER A 91 -19.23 -6.33 21.39
CA SER A 91 -19.94 -6.44 22.68
C SER A 91 -18.94 -6.57 23.82
N GLU A 92 -17.82 -7.23 23.55
CA GLU A 92 -16.77 -7.52 24.56
C GLU A 92 -15.69 -6.45 24.63
N LEU A 93 -15.68 -5.51 23.68
CA LEU A 93 -14.75 -4.34 23.70
C LEU A 93 -15.45 -3.09 24.19
N ALA A 94 -16.77 -2.99 24.04
CA ALA A 94 -17.47 -1.68 24.15
C ALA A 94 -17.30 -1.12 25.57
N GLY A 95 -17.28 -1.99 26.57
CA GLY A 95 -17.16 -1.58 27.97
C GLY A 95 -15.90 -0.75 28.15
N ALA A 96 -14.77 -1.27 27.69
CA ALA A 96 -13.45 -0.61 27.81
C ALA A 96 -13.40 0.67 26.96
N LEU A 97 -13.95 0.59 25.75
CA LEU A 97 -13.93 1.75 24.84
C LEU A 97 -14.77 2.87 25.47
N ARG A 98 -15.84 2.51 26.21
CA ARG A 98 -16.74 3.52 26.81
C ARG A 98 -15.99 4.22 27.95
N VAL A 99 -15.23 3.49 28.74
CA VAL A 99 -14.43 4.09 29.83
C VAL A 99 -13.45 5.08 29.22
N ALA A 100 -12.73 4.68 28.17
CA ALA A 100 -11.76 5.58 27.52
C ALA A 100 -12.50 6.84 27.06
N ALA A 101 -13.60 6.68 26.32
CA ALA A 101 -14.37 7.82 25.77
C ALA A 101 -14.90 8.71 26.91
N ARG A 102 -15.41 8.13 28.01
CA ARG A 102 -15.93 8.92 29.16
C ARG A 102 -14.82 9.80 29.74
N HIS A 103 -13.56 9.38 29.63
CA HIS A 103 -12.40 10.16 30.16
C HIS A 103 -11.75 11.05 29.11
N GLY A 104 -12.33 11.13 27.92
CA GLY A 104 -11.81 11.93 26.81
C GLY A 104 -10.49 11.41 26.28
N VAL A 105 -10.23 10.11 26.44
CA VAL A 105 -8.95 9.49 26.03
C VAL A 105 -9.16 8.69 24.73
N ASN A 106 -8.34 9.00 23.73
CA ASN A 106 -8.39 8.29 22.44
C ASN A 106 -8.12 6.81 22.70
N ALA A 107 -8.75 5.91 21.95
CA ALA A 107 -8.48 4.48 22.13
C ALA A 107 -8.33 3.82 20.79
N ILE A 108 -7.49 2.81 20.78
CA ILE A 108 -7.25 2.02 19.54
C ILE A 108 -7.24 0.57 20.00
N THR A 109 -8.02 -0.26 19.35
CA THR A 109 -8.08 -1.67 19.75
C THR A 109 -7.65 -2.55 18.59
N ILE A 110 -7.09 -3.70 18.92
CA ILE A 110 -6.82 -4.79 17.94
C ILE A 110 -7.99 -5.76 17.87
N GLY A 111 -9.06 -5.59 18.67
CA GLY A 111 -10.24 -6.45 18.53
C GLY A 111 -10.74 -6.46 17.09
N GLU A 112 -10.83 -7.63 16.48
CA GLU A 112 -10.95 -7.74 15.03
C GLU A 112 -12.26 -7.13 14.52
N GLU A 113 -13.39 -7.30 15.20
CA GLU A 113 -14.65 -6.74 14.68
C GLU A 113 -14.56 -5.22 14.61
N ALA A 114 -13.81 -4.61 15.52
CA ALA A 114 -13.71 -3.14 15.68
C ALA A 114 -13.00 -2.50 14.48
N PHE A 115 -12.31 -3.28 13.65
CA PHE A 115 -11.71 -2.78 12.41
C PHE A 115 -12.81 -2.12 11.55
N TYR A 116 -14.00 -2.72 11.51
CA TYR A 116 -15.11 -2.19 10.69
C TYR A 116 -16.42 -2.81 11.17
N PRO A 117 -16.95 -2.29 12.30
CA PRO A 117 -18.09 -2.90 12.99
C PRO A 117 -19.44 -2.26 12.66
N TRP A 118 -19.49 -1.43 11.64
CA TRP A 118 -20.64 -0.55 11.37
C TRP A 118 -21.91 -1.36 11.07
N THR A 119 -21.78 -2.52 10.47
CA THR A 119 -22.97 -3.35 10.14
C THR A 119 -23.09 -4.56 11.06
N THR A 120 -22.01 -5.14 11.56
CA THR A 120 -22.08 -6.35 12.40
C THR A 120 -22.47 -5.96 13.83
N SER A 121 -22.12 -4.77 14.32
CA SER A 121 -22.51 -4.27 15.67
C SER A 121 -22.89 -2.79 15.55
N GLN A 122 -23.91 -2.54 14.73
CA GLN A 122 -24.27 -1.16 14.35
C GLN A 122 -24.58 -0.36 15.63
N ALA A 123 -25.45 -0.89 16.50
CA ALA A 123 -25.98 -0.05 17.63
C ALA A 123 -24.83 0.32 18.56
N LEU A 124 -23.99 -0.66 18.92
CA LEU A 124 -22.87 -0.38 19.84
C LEU A 124 -21.90 0.62 19.18
N THR A 125 -21.66 0.51 17.88
CA THR A 125 -20.68 1.37 17.20
C THR A 125 -21.24 2.79 17.17
N GLU A 126 -22.53 2.94 16.85
CA GLU A 126 -23.14 4.29 16.74
C GLU A 126 -23.13 4.93 18.12
N GLU A 127 -23.44 4.15 19.16
CA GLU A 127 -23.45 4.64 20.56
C GLU A 127 -22.04 5.11 20.95
N LEU A 128 -21.01 4.28 20.72
CA LEU A 128 -19.63 4.71 21.02
C LEU A 128 -19.22 5.92 20.16
N ASP A 129 -19.67 5.99 18.92
CA ASP A 129 -19.33 7.12 18.02
C ASP A 129 -19.86 8.41 18.65
N GLN A 130 -21.13 8.40 19.07
CA GLN A 130 -21.76 9.57 19.75
C GLN A 130 -20.99 9.94 21.02
N LEU A 131 -20.58 8.94 21.81
CA LEU A 131 -19.95 9.15 23.12
C LEU A 131 -18.54 9.70 22.90
N ALA A 132 -17.81 9.19 21.90
CA ALA A 132 -16.47 9.72 21.54
C ALA A 132 -16.59 11.17 21.04
N ARG A 133 -17.57 11.46 20.19
CA ARG A 133 -17.83 12.84 19.72
C ARG A 133 -18.10 13.74 20.94
N ALA A 134 -18.97 13.30 21.84
CA ALA A 134 -19.35 14.09 23.03
C ALA A 134 -18.15 14.41 23.92
N ASN A 135 -17.11 13.56 23.92
CA ASN A 135 -15.94 13.71 24.80
C ASN A 135 -14.70 14.09 23.99
N ASP A 136 -14.86 14.47 22.72
CA ASP A 136 -13.77 15.06 21.91
C ASP A 136 -12.58 14.11 21.90
N CYS A 137 -12.80 12.83 21.64
CA CYS A 137 -11.71 11.84 21.48
C CYS A 137 -12.06 10.86 20.37
N THR A 138 -11.08 10.08 19.91
CA THR A 138 -11.23 9.18 18.74
C THR A 138 -11.05 7.74 19.20
N LEU A 139 -11.97 6.88 18.79
CA LEU A 139 -11.89 5.42 18.95
C LEU A 139 -11.65 4.81 17.56
N THR A 140 -10.82 3.77 17.46
CA THR A 140 -10.66 3.08 16.16
C THR A 140 -10.20 1.66 16.40
N GLY A 141 -10.35 0.84 15.38
CA GLY A 141 -9.82 -0.53 15.29
C GLY A 141 -8.62 -0.57 14.35
N SER A 142 -7.57 -1.27 14.74
CA SER A 142 -6.38 -1.48 13.90
C SER A 142 -5.86 -2.89 14.19
N GLY A 143 -4.61 -3.09 13.87
CA GLY A 143 -3.94 -4.40 13.96
C GLY A 143 -3.49 -4.87 12.59
N PHE A 144 -3.37 -6.19 12.46
CA PHE A 144 -2.81 -6.82 11.25
C PHE A 144 -3.65 -6.47 10.03
N GLN A 145 -4.97 -6.39 10.18
CA GLN A 145 -5.87 -6.17 9.02
C GLN A 145 -5.59 -4.83 8.34
N ASP A 146 -5.16 -3.83 9.12
CA ASP A 146 -5.04 -2.43 8.71
C ASP A 146 -4.21 -2.35 7.41
N VAL A 147 -3.07 -3.04 7.38
CA VAL A 147 -2.33 -3.18 6.11
C VAL A 147 -2.71 -4.50 5.41
N PHE A 148 -2.63 -5.62 6.11
CA PHE A 148 -2.51 -6.96 5.51
C PHE A 148 -3.86 -7.55 5.07
N ALA A 149 -4.95 -6.86 5.33
CA ALA A 149 -6.26 -7.19 4.72
C ALA A 149 -6.99 -5.88 4.38
N GLY A 150 -6.21 -4.83 4.11
CA GLY A 150 -6.67 -3.45 3.98
C GLY A 150 -5.83 -2.66 3.01
N ASN A 151 -5.01 -1.74 3.52
CA ASN A 151 -4.26 -0.83 2.63
C ASN A 151 -3.27 -1.52 1.69
N LEU A 152 -2.76 -2.72 2.00
CA LEU A 152 -1.96 -3.41 0.99
C LEU A 152 -2.81 -3.65 -0.27
N ILE A 153 -4.04 -4.07 -0.10
CA ILE A 153 -4.97 -4.36 -1.23
C ILE A 153 -5.36 -3.06 -1.94
N THR A 154 -5.68 -2.00 -1.22
CA THR A 154 -6.21 -0.78 -1.85
C THR A 154 -5.05 -0.03 -2.54
N VAL A 155 -3.83 -0.11 -2.00
CA VAL A 155 -2.64 0.47 -2.69
C VAL A 155 -2.45 -0.25 -4.04
N LEU A 156 -2.59 -1.58 -4.10
CA LEU A 156 -2.48 -2.30 -5.37
C LEU A 156 -3.67 -1.99 -6.29
N ALA A 157 -4.88 -1.83 -5.72
CA ALA A 157 -6.07 -1.46 -6.51
C ALA A 157 -5.83 -0.13 -7.23
N GLY A 158 -5.01 0.75 -6.67
CA GLY A 158 -4.64 2.06 -7.27
C GLY A 158 -3.82 1.89 -8.56
N ALA A 159 -3.25 0.71 -8.83
CA ALA A 159 -2.46 0.42 -10.05
C ALA A 159 -3.25 -0.48 -11.01
N THR A 160 -4.56 -0.67 -10.78
CA THR A 160 -5.37 -1.68 -11.49
C THR A 160 -6.36 -0.99 -12.41
N HIS A 161 -6.47 -1.46 -13.65
CA HIS A 161 -7.42 -0.86 -14.62
C HIS A 161 -8.85 -1.26 -14.30
N ARG A 162 -9.06 -2.55 -14.18
CA ARG A 162 -10.43 -3.07 -13.92
C ARG A 162 -10.29 -4.18 -12.87
N ILE A 163 -11.08 -4.10 -11.79
CA ILE A 163 -11.12 -5.21 -10.81
C ILE A 163 -12.40 -6.01 -11.01
N ASP A 164 -12.26 -7.29 -11.28
CA ASP A 164 -13.40 -8.23 -11.37
C ASP A 164 -13.57 -8.90 -10.02
N ARG A 165 -12.48 -9.31 -9.40
CA ARG A 165 -12.52 -10.07 -8.12
C ARG A 165 -11.24 -9.79 -7.36
N ILE A 166 -11.34 -9.67 -6.06
CA ILE A 166 -10.15 -9.67 -5.17
C ILE A 166 -10.22 -10.98 -4.40
N VAL A 167 -9.14 -11.75 -4.43
CA VAL A 167 -9.09 -13.06 -3.75
C VAL A 167 -7.95 -13.04 -2.74
N GLY A 168 -8.26 -13.30 -1.49
CA GLY A 168 -7.31 -13.25 -0.36
C GLY A 168 -7.18 -14.55 0.39
N LEU A 169 -5.99 -14.78 0.92
CA LEU A 169 -5.70 -15.83 1.90
C LEU A 169 -4.90 -15.20 3.04
N THR A 170 -5.38 -15.35 4.25
CA THR A 170 -4.69 -14.96 5.48
C THR A 170 -4.69 -16.17 6.42
N GLN A 171 -3.51 -16.64 6.81
CA GLN A 171 -3.37 -17.75 7.76
C GLN A 171 -2.48 -17.31 8.91
N TYR A 172 -2.93 -17.59 10.13
CA TYR A 172 -2.23 -17.26 11.39
C TYR A 172 -2.31 -18.47 12.33
N ASN A 173 -1.39 -18.48 13.27
CA ASN A 173 -1.07 -19.57 14.20
C ASN A 173 -1.87 -19.34 15.48
N ALA A 174 -2.87 -20.17 15.73
CA ALA A 174 -3.73 -20.03 16.94
C ALA A 174 -2.86 -19.92 18.22
N ASP A 175 -1.63 -20.44 18.21
CA ASP A 175 -0.81 -20.52 19.44
C ASP A 175 0.03 -19.25 19.66
N ASP A 176 0.02 -18.28 18.73
CA ASP A 176 0.70 -16.98 18.90
C ASP A 176 -0.19 -16.08 19.74
N TYR A 177 -1.45 -16.48 19.99
CA TYR A 177 -2.47 -15.59 20.60
C TYR A 177 -3.10 -16.27 21.81
N GLY A 178 -3.91 -15.51 22.54
CA GLY A 178 -4.51 -15.98 23.80
C GLY A 178 -5.67 -16.92 23.57
N SER A 179 -6.29 -17.39 24.66
CA SER A 179 -7.37 -18.42 24.68
C SER A 179 -8.60 -17.96 23.89
N ALA A 180 -8.96 -16.68 23.94
CA ALA A 180 -10.11 -16.10 23.22
C ALA A 180 -10.06 -16.48 21.73
N LEU A 181 -8.91 -16.31 21.09
CA LEU A 181 -8.77 -16.58 19.64
C LEU A 181 -8.95 -18.08 19.41
N ALA A 182 -8.26 -18.92 20.18
CA ALA A 182 -8.35 -20.39 20.08
C ALA A 182 -9.81 -20.82 20.20
N GLN A 183 -10.55 -20.26 21.16
CA GLN A 183 -11.98 -20.59 21.41
C GLN A 183 -12.85 -20.22 20.21
N LYS A 184 -12.70 -18.99 19.71
CA LYS A 184 -13.42 -18.48 18.51
C LYS A 184 -13.20 -19.45 17.33
N HIS A 185 -12.04 -20.13 17.28
CA HIS A 185 -11.61 -20.98 16.14
C HIS A 185 -11.93 -22.46 16.40
N GLY A 186 -12.58 -22.79 17.52
CA GLY A 186 -13.01 -24.15 17.85
C GLY A 186 -11.85 -25.11 18.10
N VAL A 187 -10.70 -24.59 18.51
CA VAL A 187 -9.49 -25.43 18.73
C VAL A 187 -9.79 -26.48 19.81
N GLY A 188 -9.59 -27.75 19.47
CA GLY A 188 -9.76 -28.87 20.41
C GLY A 188 -11.18 -29.45 20.40
N LEU A 189 -12.12 -28.82 19.69
CA LEU A 189 -13.51 -29.35 19.60
C LEU A 189 -13.52 -30.60 18.74
N ASP A 190 -14.34 -31.58 19.12
CA ASP A 190 -14.65 -32.72 18.24
C ASP A 190 -15.48 -32.21 17.06
N PRO A 191 -15.47 -32.94 15.94
CA PRO A 191 -16.23 -32.56 14.76
C PRO A 191 -17.69 -32.15 14.98
N GLU A 192 -18.43 -32.86 15.84
CA GLU A 192 -19.88 -32.56 16.05
C GLU A 192 -20.01 -31.23 16.81
N THR A 193 -19.24 -31.03 17.87
CA THR A 193 -19.33 -29.84 18.75
C THR A 193 -18.88 -28.61 17.95
N PHE A 194 -17.87 -28.79 17.09
CA PHE A 194 -17.42 -27.75 16.14
C PHE A 194 -18.61 -27.33 15.27
N ALA A 195 -19.23 -28.29 14.58
CA ALA A 195 -20.37 -28.00 13.67
C ALA A 195 -21.46 -27.30 14.47
N ALA A 196 -21.72 -27.75 15.70
CA ALA A 196 -22.87 -27.31 16.51
C ALA A 196 -22.63 -25.90 17.05
N ARG A 197 -21.41 -25.63 17.54
CA ARG A 197 -21.09 -24.38 18.29
C ARG A 197 -20.49 -23.34 17.33
N ILE A 198 -19.55 -23.74 16.47
CA ILE A 198 -18.82 -22.80 15.57
C ILE A 198 -19.54 -22.68 14.23
N GLY A 199 -19.67 -23.80 13.51
CA GLY A 199 -20.27 -23.87 12.17
C GLY A 199 -21.65 -23.22 12.13
N ALA A 200 -22.57 -23.67 12.99
CA ALA A 200 -23.99 -23.29 13.01
C ALA A 200 -24.16 -21.80 13.35
N SER A 201 -23.48 -21.28 14.37
CA SER A 201 -23.61 -19.87 14.80
C SER A 201 -23.00 -18.94 13.73
N ASN A 202 -21.94 -19.39 13.05
CA ASN A 202 -21.38 -18.66 11.87
C ASN A 202 -21.06 -17.20 12.22
N SER A 203 -20.51 -16.91 13.40
CA SER A 203 -20.17 -15.50 13.82
C SER A 203 -19.18 -14.94 12.82
N PRO A 204 -19.25 -13.63 12.52
CA PRO A 204 -18.37 -13.04 11.49
C PRO A 204 -16.90 -13.29 11.81
N SER A 205 -16.17 -13.88 10.86
CA SER A 205 -14.70 -14.04 10.93
C SER A 205 -14.08 -12.66 10.74
N TYR A 206 -12.79 -12.51 11.00
CA TYR A 206 -12.12 -11.20 10.90
CA TYR A 206 -12.11 -11.20 10.90
C TYR A 206 -12.27 -10.63 9.48
N VAL A 207 -12.34 -11.49 8.47
CA VAL A 207 -12.34 -11.01 7.07
C VAL A 207 -13.75 -10.64 6.64
N TRP A 208 -14.80 -10.99 7.39
CA TRP A 208 -16.13 -10.40 7.11
C TRP A 208 -15.98 -8.88 7.27
N ASN A 209 -15.46 -8.45 8.40
CA ASN A 209 -15.32 -7.00 8.68
C ASN A 209 -14.25 -6.37 7.77
N SER A 210 -13.12 -7.03 7.56
CA SER A 210 -12.04 -6.39 6.77
C SER A 210 -12.50 -6.34 5.29
N ASN A 211 -13.30 -7.30 4.81
CA ASN A 211 -13.88 -7.17 3.43
C ASN A 211 -14.80 -5.95 3.35
N GLU A 212 -15.62 -5.73 4.37
CA GLU A 212 -16.45 -4.49 4.41
C GLU A 212 -15.53 -3.25 4.40
N TRP A 213 -14.44 -3.27 5.14
CA TRP A 213 -13.49 -2.13 5.21
C TRP A 213 -12.94 -1.86 3.78
N LEU A 214 -12.57 -2.92 3.05
CA LEU A 214 -12.08 -2.79 1.65
C LEU A 214 -13.17 -2.12 0.79
N CYS A 215 -14.42 -2.58 0.92
CA CYS A 215 -15.51 -2.03 0.10
C CYS A 215 -15.69 -0.56 0.45
N ALA A 216 -15.64 -0.20 1.72
CA ALA A 216 -15.79 1.21 2.15
C ALA A 216 -14.67 2.05 1.51
N GLN A 217 -13.43 1.59 1.59
CA GLN A 217 -12.31 2.41 1.08
C GLN A 217 -12.38 2.51 -0.45
N LEU A 218 -12.83 1.46 -1.15
CA LEU A 218 -12.89 1.41 -2.63
C LEU A 218 -14.15 2.09 -3.15
N GLY A 219 -15.08 2.49 -2.27
CA GLY A 219 -16.34 3.17 -2.67
C GLY A 219 -17.37 2.20 -3.23
N TRP A 220 -17.31 0.93 -2.83
CA TRP A 220 -18.29 -0.09 -3.25
C TRP A 220 -19.37 -0.25 -2.18
N ARG A 221 -20.56 -0.63 -2.64
CA ARG A 221 -21.69 -0.93 -1.73
C ARG A 221 -21.86 -2.44 -1.64
N VAL A 222 -21.89 -2.95 -0.43
CA VAL A 222 -22.04 -4.42 -0.23
C VAL A 222 -23.49 -4.78 -0.56
N ARG A 223 -23.67 -5.85 -1.33
CA ARG A 223 -25.04 -6.36 -1.62
C ARG A 223 -25.27 -7.71 -0.99
N ASP A 224 -24.25 -8.50 -0.71
CA ASP A 224 -24.45 -9.84 -0.11
C ASP A 224 -23.14 -10.24 0.57
N ILE A 225 -23.23 -10.90 1.71
CA ILE A 225 -22.08 -11.56 2.37
C ILE A 225 -22.44 -13.02 2.69
N ARG A 226 -21.60 -13.95 2.28
CA ARG A 226 -21.78 -15.38 2.58
C ARG A 226 -20.52 -15.87 3.26
N GLN A 227 -20.64 -16.48 4.42
CA GLN A 227 -19.49 -17.07 5.13
C GLN A 227 -19.77 -18.52 5.39
N GLN A 228 -18.76 -19.37 5.19
CA GLN A 228 -18.78 -20.75 5.69
C GLN A 228 -17.56 -20.95 6.58
N LEU A 229 -17.78 -21.49 7.77
CA LEU A 229 -16.75 -21.86 8.76
C LEU A 229 -16.60 -23.38 8.74
N LEU A 230 -15.39 -23.88 8.42
CA LEU A 230 -15.10 -25.32 8.44
C LEU A 230 -13.93 -25.56 9.38
N PRO A 231 -13.89 -26.71 10.08
CA PRO A 231 -12.76 -27.03 10.94
C PRO A 231 -11.55 -27.31 10.07
N THR A 232 -10.38 -26.96 10.58
CA THR A 232 -9.09 -27.50 10.10
C THR A 232 -8.78 -28.76 10.91
N THR A 233 -7.90 -29.57 10.35
CA THR A 233 -7.59 -30.91 10.87
C THR A 233 -6.09 -31.19 10.65
N HIS A 234 -5.50 -32.06 11.46
CA HIS A 234 -4.16 -32.65 11.19
C HIS A 234 -4.25 -34.17 11.34
N THR A 235 -3.27 -34.88 10.77
CA THR A 235 -3.19 -36.36 10.74
C THR A 235 -2.52 -36.89 12.03
N GLY A 236 -2.09 -35.98 12.90
CA GLY A 236 -1.43 -36.29 14.18
C GLY A 236 -1.94 -35.42 15.31
N THR A 237 -1.67 -35.81 16.55
CA THR A 237 -1.91 -34.96 17.75
C THR A 237 -1.12 -33.65 17.60
N LEU A 238 -1.76 -32.53 17.91
CA LEU A 238 -1.10 -31.21 18.05
C LEU A 238 -1.47 -30.70 19.44
N ARG A 239 -0.73 -29.74 19.98
CA ARG A 239 -0.97 -29.22 21.36
C ARG A 239 -1.33 -27.74 21.26
N SER A 240 -2.39 -27.32 21.93
CA SER A 240 -2.74 -25.88 22.09
C SER A 240 -2.14 -25.39 23.42
N ALA A 241 -1.11 -24.54 23.36
CA ALA A 241 -0.49 -23.91 24.54
C ALA A 241 -1.49 -22.95 25.18
N SER A 242 -2.32 -22.29 24.38
CA SER A 242 -3.28 -21.26 24.83
C SER A 242 -4.37 -21.94 25.67
N LEU A 243 -4.81 -23.14 25.28
CA LEU A 243 -5.90 -23.86 26.00
C LEU A 243 -5.31 -24.94 26.91
N GLY A 244 -4.00 -25.19 26.78
CA GLY A 244 -3.27 -26.18 27.59
C GLY A 244 -3.90 -27.54 27.47
N ARG A 245 -4.15 -28.02 26.26
CA ARG A 245 -4.66 -29.39 26.02
C ARG A 245 -4.12 -29.87 24.68
N GLU A 246 -3.93 -31.20 24.56
CA GLU A 246 -3.65 -31.95 23.32
C GLU A 246 -4.92 -32.03 22.46
N VAL A 247 -4.76 -32.00 21.15
CA VAL A 247 -5.86 -32.08 20.16
C VAL A 247 -5.65 -33.37 19.38
N PRO A 248 -6.50 -34.41 19.55
CA PRO A 248 -6.38 -35.65 18.78
C PRO A 248 -6.55 -35.46 17.28
N ALA A 249 -5.86 -36.25 16.48
CA ALA A 249 -6.04 -36.27 15.01
C ALA A 249 -7.53 -36.34 14.70
N GLY A 250 -8.04 -35.42 13.88
CA GLY A 250 -9.43 -35.41 13.41
C GLY A 250 -10.28 -34.41 14.18
N HIS A 251 -9.88 -34.06 15.40
CA HIS A 251 -10.47 -32.95 16.17
C HIS A 251 -10.08 -31.64 15.46
N ALA A 252 -10.87 -30.59 15.69
CA ALA A 252 -10.63 -29.27 15.08
C ALA A 252 -9.33 -28.72 15.65
N THR A 253 -8.39 -28.38 14.76
CA THR A 253 -7.12 -27.72 15.11
C THR A 253 -7.29 -26.21 14.95
N GLY A 254 -8.51 -25.79 14.59
CA GLY A 254 -8.85 -24.38 14.30
C GLY A 254 -9.88 -24.32 13.19
N MET A 255 -9.93 -23.21 12.47
CA MET A 255 -10.99 -23.10 11.45
C MET A 255 -10.53 -22.31 10.24
N LYS A 256 -11.18 -22.63 9.12
CA LYS A 256 -11.05 -21.88 7.87
C LYS A 256 -12.35 -21.19 7.59
N ALA A 257 -12.32 -19.88 7.48
CA ALA A 257 -13.48 -19.07 7.10
C ALA A 257 -13.32 -18.69 5.63
N VAL A 258 -14.38 -18.89 4.85
CA VAL A 258 -14.43 -18.39 3.46
C VAL A 258 -15.54 -17.37 3.42
N VAL A 259 -15.21 -16.11 3.17
CA VAL A 259 -16.17 -14.99 3.06
C VAL A 259 -16.20 -14.54 1.62
N VAL A 260 -17.40 -14.49 1.03
CA VAL A 260 -17.58 -13.92 -0.32
C VAL A 260 -18.47 -12.70 -0.17
N THR A 261 -17.93 -11.55 -0.52
CA THR A 261 -18.55 -10.23 -0.40
C THR A 261 -18.87 -9.76 -1.81
N GLU A 262 -20.16 -9.68 -2.14
CA GLU A 262 -20.66 -9.23 -3.45
C GLU A 262 -20.99 -7.75 -3.32
N THR A 263 -20.82 -7.00 -4.40
CA THR A 263 -21.12 -5.56 -4.41
C THR A 263 -22.26 -5.28 -5.39
N HIS A 264 -22.95 -4.16 -5.18
CA HIS A 264 -23.90 -3.63 -6.19
C HIS A 264 -23.13 -3.25 -7.45
N GLU A 265 -21.92 -2.71 -7.31
CA GLU A 265 -21.08 -2.25 -8.45
C GLU A 265 -20.69 -3.45 -9.33
N GLY A 266 -20.44 -4.61 -8.75
CA GLY A 266 -20.10 -5.82 -9.51
C GLY A 266 -18.90 -6.57 -8.93
N PRO A 267 -17.79 -5.88 -8.58
CA PRO A 267 -16.61 -6.60 -8.13
C PRO A 267 -16.94 -7.44 -6.87
N VAL A 268 -16.23 -8.55 -6.73
CA VAL A 268 -16.43 -9.48 -5.59
C VAL A 268 -15.12 -9.58 -4.81
N ILE A 269 -15.21 -9.70 -3.49
CA ILE A 269 -14.03 -9.94 -2.63
C ILE A 269 -14.26 -11.31 -1.99
N GLU A 270 -13.35 -12.21 -2.26
CA GLU A 270 -13.40 -13.58 -1.71
C GLU A 270 -12.15 -13.76 -0.85
N THR A 271 -12.36 -13.96 0.45
CA THR A 271 -11.24 -14.01 1.40
C THR A 271 -11.36 -15.27 2.24
N HIS A 272 -10.26 -16.01 2.26
CA HIS A 272 -10.03 -17.19 3.10
C HIS A 272 -9.20 -16.79 4.32
N CYS A 273 -9.72 -17.11 5.48
CA CYS A 273 -9.12 -16.72 6.77
C CYS A 273 -8.98 -17.95 7.66
N VAL A 274 -7.71 -18.35 7.89
CA VAL A 274 -7.38 -19.65 8.53
C VAL A 274 -6.62 -19.37 9.81
N GLY A 275 -7.18 -19.82 10.94
CA GLY A 275 -6.54 -19.71 12.26
C GLY A 275 -6.47 -21.09 12.82
N LYS A 276 -5.29 -21.65 13.02
CA LYS A 276 -5.16 -23.05 13.46
C LYS A 276 -3.84 -23.31 14.15
N LEU A 277 -3.76 -24.47 14.77
CA LEU A 277 -2.47 -25.08 15.19
C LEU A 277 -1.71 -25.53 13.95
N TYR A 278 -0.39 -25.36 13.97
CA TYR A 278 0.49 -25.67 12.83
C TYR A 278 1.15 -27.03 13.02
N ALA A 279 1.09 -27.83 11.95
CA ALA A 279 1.89 -29.05 11.76
C ALA A 279 3.31 -28.61 11.42
N PRO A 280 4.33 -29.48 11.59
CA PRO A 280 5.70 -29.10 11.26
C PRO A 280 5.85 -28.52 9.85
N GLY A 281 6.51 -27.36 9.74
CA GLY A 281 6.83 -26.69 8.47
C GLY A 281 5.71 -25.75 7.99
N GLU A 282 4.59 -25.68 8.72
CA GLU A 282 3.53 -24.69 8.39
C GLU A 282 3.94 -23.34 8.95
N VAL A 283 3.53 -22.30 8.24
CA VAL A 283 3.86 -20.89 8.59
C VAL A 283 2.67 -20.01 8.28
N ASP A 284 2.71 -18.78 8.80
CA ASP A 284 1.67 -17.80 8.44
C ASP A 284 1.76 -17.51 6.95
N LEU A 285 0.60 -17.20 6.35
CA LEU A 285 0.46 -16.94 4.92
C LEU A 285 -0.26 -15.62 4.74
N ASN A 286 0.11 -14.91 3.70
CA ASN A 286 -0.66 -13.71 3.27
C ASN A 286 -0.46 -13.58 1.78
N GLU A 287 -1.53 -13.76 1.04
CA GLU A 287 -1.46 -13.72 -0.43
C GLU A 287 -2.79 -13.19 -0.94
N TRP A 288 -2.68 -12.25 -1.86
CA TRP A 288 -3.85 -11.59 -2.49
C TRP A 288 -3.67 -11.55 -4.00
N THR A 289 -4.76 -11.76 -4.71
CA THR A 289 -4.78 -11.53 -6.17
C THR A 289 -5.91 -10.58 -6.51
N LEU A 290 -5.59 -9.52 -7.22
CA LEU A 290 -6.59 -8.67 -7.90
C LEU A 290 -6.75 -9.22 -9.31
N ARG A 291 -7.89 -9.88 -9.56
CA ARG A 291 -8.24 -10.47 -10.88
C ARG A 291 -8.98 -9.44 -11.71
N GLY A 292 -8.53 -9.21 -12.93
CA GLY A 292 -9.16 -8.25 -13.85
C GLY A 292 -8.14 -7.81 -14.86
N GLU A 293 -7.97 -6.51 -15.03
CA GLU A 293 -6.96 -6.02 -15.98
C GLU A 293 -6.05 -5.09 -15.23
N PRO A 294 -4.75 -5.42 -15.06
CA PRO A 294 -4.20 -6.75 -15.22
C PRO A 294 -4.53 -7.57 -13.95
N ASP A 295 -4.14 -8.84 -13.96
CA ASP A 295 -4.09 -9.68 -12.74
C ASP A 295 -2.81 -9.34 -12.00
N THR A 296 -2.93 -9.06 -10.71
CA THR A 296 -1.76 -8.83 -9.83
C THR A 296 -1.81 -9.73 -8.63
N THR A 297 -0.75 -10.47 -8.37
CA THR A 297 -0.64 -11.30 -7.15
C THR A 297 0.48 -10.77 -6.26
N VAL A 298 0.14 -10.51 -5.01
CA VAL A 298 1.10 -10.09 -3.94
C VAL A 298 1.19 -11.20 -2.90
N THR A 299 2.41 -11.51 -2.49
CA THR A 299 2.73 -12.52 -1.45
C THR A 299 3.58 -11.83 -0.39
N ILE A 300 3.17 -11.91 0.87
CA ILE A 300 4.10 -11.62 2.01
C ILE A 300 4.72 -12.96 2.41
N ARG A 301 6.04 -13.03 2.43
CA ARG A 301 6.77 -14.28 2.74
C ARG A 301 6.81 -14.41 4.26
N GLN A 302 6.03 -15.29 4.86
CA GLN A 302 6.05 -15.55 6.30
C GLN A 302 5.89 -14.25 7.06
N PRO A 303 4.72 -13.60 6.95
CA PRO A 303 4.51 -12.37 7.72
C PRO A 303 4.69 -12.68 9.22
N ALA A 304 5.40 -11.77 9.93
CA ALA A 304 5.56 -11.83 11.40
C ALA A 304 4.29 -11.24 12.05
N THR A 305 3.18 -11.96 11.94
CA THR A 305 1.82 -11.43 12.18
C THR A 305 1.75 -10.68 13.52
N PRO A 306 2.21 -11.23 14.66
CA PRO A 306 2.08 -10.52 15.93
C PRO A 306 2.85 -9.20 15.95
N ALA A 307 4.07 -9.20 15.43
CA ALA A 307 4.93 -7.99 15.38
C ALA A 307 4.29 -6.95 14.48
N LEU A 308 3.79 -7.37 13.31
CA LEU A 308 3.14 -6.46 12.34
C LEU A 308 1.86 -5.90 12.99
N THR A 309 1.11 -6.70 13.73
CA THR A 309 -0.11 -6.21 14.42
C THR A 309 0.27 -5.07 15.35
N CYS A 310 1.23 -5.30 16.23
CA CYS A 310 1.63 -4.32 17.28
C CYS A 310 2.27 -3.08 16.67
N ALA A 311 3.14 -3.23 15.67
CA ALA A 311 3.85 -2.09 15.06
C ALA A 311 2.84 -1.17 14.38
N THR A 312 1.83 -1.72 13.71
CA THR A 312 0.83 -0.90 13.02
C THR A 312 0.07 -0.05 14.06
N VAL A 313 -0.25 -0.65 15.19
CA VAL A 313 -0.98 0.08 16.26
C VAL A 313 -0.15 1.27 16.71
N LEU A 314 1.14 1.05 16.96
CA LEU A 314 1.99 2.15 17.48
C LEU A 314 2.18 3.21 16.40
N ASN A 315 2.36 2.81 15.12
CA ASN A 315 2.50 3.80 14.02
C ASN A 315 1.23 4.63 13.85
N ARG A 316 0.06 4.08 14.21
CA ARG A 316 -1.22 4.81 14.10
C ARG A 316 -1.36 5.89 15.18
N LEU A 317 -0.61 5.84 16.27
CA LEU A 317 -0.96 6.72 17.42
C LEU A 317 -0.94 8.20 17.05
N PRO A 318 0.10 8.74 16.36
CA PRO A 318 0.06 10.17 16.05
C PRO A 318 -1.21 10.52 15.27
N GLN A 319 -1.62 9.68 14.33
CA GLN A 319 -2.83 9.93 13.52
C GLN A 319 -4.08 9.89 14.43
N LEU A 320 -4.12 8.94 15.35
CA LEU A 320 -5.25 8.81 16.29
C LEU A 320 -5.37 10.12 17.10
N LEU A 321 -4.25 10.63 17.61
CA LEU A 321 -4.25 11.88 18.41
C LEU A 321 -4.79 13.02 17.56
N ALA A 322 -4.38 13.10 16.28
CA ALA A 322 -4.74 14.22 15.38
C ALA A 322 -6.16 14.04 14.85
N ALA A 323 -6.71 12.81 14.90
CA ALA A 323 -7.97 12.48 14.19
C ALA A 323 -9.13 13.29 14.75
N PRO A 324 -10.15 13.54 13.91
CA PRO A 324 -11.40 14.08 14.42
C PRO A 324 -12.07 13.13 15.41
N PRO A 325 -12.83 13.68 16.35
CA PRO A 325 -13.53 12.89 17.38
C PRO A 325 -14.60 11.97 16.79
N GLY A 326 -14.89 10.88 17.49
CA GLY A 326 -15.92 9.89 17.13
C GLY A 326 -15.30 8.50 17.12
N PHE A 327 -16.07 7.50 16.73
CA PHE A 327 -15.55 6.15 16.34
C PHE A 327 -15.26 6.28 14.84
N VAL A 328 -13.99 6.38 14.52
CA VAL A 328 -13.50 6.67 13.16
C VAL A 328 -12.67 5.47 12.73
N THR A 329 -13.22 4.65 11.83
CA THR A 329 -12.52 3.46 11.33
C THR A 329 -11.41 3.90 10.38
N THR A 330 -10.39 3.09 10.19
CA THR A 330 -9.15 3.50 9.48
C THR A 330 -9.39 3.64 7.99
N ASP A 331 -10.51 3.17 7.45
CA ASP A 331 -10.87 3.45 6.05
C ASP A 331 -10.96 4.96 5.83
N ARG A 332 -11.18 5.75 6.89
CA ARG A 332 -11.31 7.23 6.80
C ARG A 332 -9.97 7.91 7.09
N PHE A 333 -8.91 7.17 7.38
CA PHE A 333 -7.56 7.72 7.61
C PHE A 333 -6.76 7.52 6.33
N THR A 334 -5.72 8.33 6.14
CA THR A 334 -4.63 7.97 5.21
C THR A 334 -3.91 6.77 5.81
N PRO A 335 -3.15 5.98 5.02
CA PRO A 335 -2.46 4.81 5.56
C PRO A 335 -1.49 5.12 6.69
N ALA A 336 -1.30 4.14 7.54
CA ALA A 336 -0.34 4.25 8.66
C ALA A 336 1.02 4.55 7.99
N THR A 337 1.76 5.49 8.58
CA THR A 337 3.13 5.77 8.14
C THR A 337 4.06 5.31 9.25
N TYR A 338 5.29 4.96 8.88
CA TYR A 338 6.36 4.67 9.83
C TYR A 338 6.69 5.91 10.69
N VAL A 339 6.66 5.72 11.99
CA VAL A 339 6.97 6.78 13.00
C VAL A 339 8.20 6.26 13.75
N SER A 340 9.32 6.98 13.80
CA SER A 340 10.49 6.48 14.57
C SER A 340 10.24 6.63 16.08
N ARG A 341 9.61 7.72 16.47
CA ARG A 341 9.47 8.11 17.90
C ARG A 341 8.02 8.39 18.29
N LEU A 342 7.56 7.81 19.40
CA LEU A 342 6.18 8.02 19.91
C LEU A 342 6.21 9.21 20.88
N GLU A 343 6.62 10.36 20.36
CA GLU A 343 6.74 11.64 21.08
C GLU A 343 5.76 12.58 20.37
N THR A 344 5.21 13.52 21.10
CA THR A 344 4.18 14.44 20.57
C THR A 344 4.55 15.85 21.03
N GLU A 345 4.09 16.87 20.32
CA GLU A 345 4.39 18.29 20.63
C GLU A 345 3.93 18.57 22.07
N ALA A 346 4.84 19.10 22.89
CA ALA A 346 4.60 19.47 24.30
C ALA A 346 4.09 20.92 24.34
N SER B 6 -24.15 16.87 -13.25
CA SER B 6 -23.15 17.89 -12.88
C SER B 6 -21.74 17.31 -13.00
N LYS B 7 -21.60 16.17 -13.68
CA LYS B 7 -20.25 15.61 -13.93
C LYS B 7 -20.09 15.44 -15.44
N ARG B 8 -18.84 15.49 -15.91
CA ARG B 8 -18.53 15.33 -17.34
C ARG B 8 -17.25 14.50 -17.49
N PRO B 9 -17.03 13.82 -18.63
CA PRO B 9 -15.78 13.11 -18.87
C PRO B 9 -14.57 14.02 -18.69
N ILE B 10 -13.52 13.47 -18.10
CA ILE B 10 -12.19 14.13 -18.17
C ILE B 10 -11.72 14.13 -19.62
N ARG B 11 -11.27 15.28 -20.08
CA ARG B 11 -10.76 15.52 -21.46
C ARG B 11 -9.24 15.38 -21.48
N ILE B 12 -8.73 14.41 -22.24
CA ILE B 12 -7.29 14.04 -22.25
C ILE B 12 -6.64 14.32 -23.61
N ILE B 13 -5.42 14.87 -23.62
CA ILE B 13 -4.53 14.91 -24.79
C ILE B 13 -3.45 13.86 -24.54
N GLN B 14 -3.28 12.91 -25.45
CA GLN B 14 -2.19 11.93 -25.36
C GLN B 14 -1.01 12.42 -26.17
N TRP B 15 0.10 12.72 -25.51
CA TRP B 15 1.33 13.18 -26.15
C TRP B 15 2.30 12.02 -26.10
N GLY B 16 2.50 11.37 -27.24
CA GLY B 16 3.27 10.13 -27.33
C GLY B 16 2.31 8.98 -27.51
N CYS B 17 2.15 8.49 -28.75
CA CYS B 17 1.11 7.51 -29.10
C CYS B 17 1.79 6.20 -29.48
N GLY B 18 2.87 5.87 -28.78
CA GLY B 18 3.56 4.59 -28.92
C GLY B 18 2.92 3.54 -28.04
N LEU B 19 3.67 2.55 -27.60
CA LEU B 19 3.09 1.36 -26.93
C LEU B 19 2.25 1.80 -25.71
N MET B 20 2.79 2.62 -24.79
CA MET B 20 2.03 3.03 -23.58
C MET B 20 0.87 3.96 -24.00
N GLY B 21 1.13 4.93 -24.88
CA GLY B 21 0.09 5.86 -25.35
C GLY B 21 -1.09 5.15 -25.97
N GLN B 22 -0.83 4.05 -26.70
CA GLN B 22 -1.92 3.24 -27.30
C GLN B 22 -2.76 2.58 -26.20
N THR B 23 -2.12 2.01 -25.18
CA THR B 23 -2.83 1.38 -24.05
C THR B 23 -3.69 2.45 -23.38
N LEU B 24 -3.15 3.66 -23.19
CA LEU B 24 -3.85 4.74 -22.46
C LEU B 24 -5.07 5.21 -23.27
N ILE B 25 -4.98 5.24 -24.58
CA ILE B 25 -6.12 5.77 -25.38
C ILE B 25 -7.32 4.83 -25.23
N ARG B 26 -7.06 3.54 -25.26
CA ARG B 26 -8.13 2.54 -25.10
C ARG B 26 -8.66 2.54 -23.67
N THR B 27 -7.76 2.50 -22.68
CA THR B 27 -8.18 2.36 -21.27
C THR B 27 -8.88 3.62 -20.76
N LEU B 28 -8.45 4.78 -21.22
CA LEU B 28 -9.04 6.02 -20.67
C LEU B 28 -10.53 6.07 -21.04
N ARG B 29 -10.86 5.56 -22.21
CA ARG B 29 -12.26 5.55 -22.67
C ARG B 29 -13.08 4.53 -21.86
N GLU B 30 -12.48 3.39 -21.56
CA GLU B 30 -13.18 2.36 -20.77
C GLU B 30 -13.53 2.91 -19.38
N LYS B 31 -12.83 3.94 -18.91
CA LYS B 31 -13.10 4.50 -17.56
C LYS B 31 -13.91 5.79 -17.69
N GLY B 32 -14.37 6.11 -18.89
CA GLY B 32 -15.27 7.26 -19.02
C GLY B 32 -14.62 8.57 -19.39
N ALA B 33 -13.33 8.57 -19.70
CA ALA B 33 -12.69 9.82 -20.18
C ALA B 33 -12.79 9.92 -21.69
N GLU B 34 -12.54 11.12 -22.23
CA GLU B 34 -12.58 11.34 -23.70
C GLU B 34 -11.23 11.84 -24.21
N LEU B 35 -10.77 11.28 -25.31
CA LEU B 35 -9.55 11.72 -26.00
C LEU B 35 -9.93 12.96 -26.83
N VAL B 36 -9.29 14.09 -26.55
CA VAL B 36 -9.53 15.36 -27.31
C VAL B 36 -8.28 15.82 -28.07
N GLY B 37 -7.19 15.08 -28.03
CA GLY B 37 -5.98 15.48 -28.80
C GLY B 37 -4.97 14.37 -28.78
N ALA B 38 -4.12 14.36 -29.77
CA ALA B 38 -3.07 13.33 -29.89
C ALA B 38 -1.88 13.94 -30.60
N ILE B 39 -0.71 13.82 -29.99
CA ILE B 39 0.55 14.35 -30.55
C ILE B 39 1.56 13.21 -30.62
N ASP B 40 2.28 13.12 -31.73
CA ASP B 40 3.42 12.18 -31.87
C ASP B 40 4.29 12.69 -33.01
N HIS B 41 5.59 12.60 -32.86
CA HIS B 41 6.53 13.03 -33.92
C HIS B 41 6.81 11.86 -34.88
N ASN B 42 6.37 10.64 -34.54
CA ASN B 42 6.69 9.43 -35.34
C ASN B 42 6.01 9.54 -36.70
N ALA B 43 6.81 9.53 -37.78
CA ALA B 43 6.34 9.67 -39.19
C ALA B 43 5.31 8.59 -39.53
N ALA B 44 5.40 7.41 -38.93
CA ALA B 44 4.50 6.27 -39.20
C ALA B 44 3.12 6.49 -38.56
N ARG B 45 3.00 7.31 -37.51
CA ARG B 45 1.70 7.55 -36.81
C ARG B 45 1.11 8.93 -37.17
N ARG B 46 1.95 9.90 -37.50
CA ARG B 46 1.52 11.26 -37.91
C ARG B 46 0.32 11.13 -38.86
N ASP B 47 -0.76 11.87 -38.58
CA ASP B 47 -1.88 12.10 -39.53
C ASP B 47 -2.88 10.95 -39.49
N ARG B 48 -2.57 9.84 -38.81
CA ARG B 48 -3.53 8.74 -38.61
C ARG B 48 -4.46 9.08 -37.44
N ASP B 49 -5.60 8.41 -37.41
CA ASP B 49 -6.59 8.55 -36.31
C ASP B 49 -6.02 7.86 -35.07
N ALA B 50 -6.09 8.50 -33.92
CA ALA B 50 -5.48 7.99 -32.66
C ALA B 50 -6.17 6.67 -32.24
N GLY B 51 -7.48 6.54 -32.44
CA GLY B 51 -8.20 5.28 -32.17
C GLY B 51 -7.69 4.14 -33.03
N GLU B 52 -7.41 4.41 -34.30
CA GLU B 52 -6.88 3.41 -35.24
C GLU B 52 -5.50 2.94 -34.77
N VAL B 53 -4.63 3.89 -34.44
CA VAL B 53 -3.24 3.60 -34.00
C VAL B 53 -3.31 2.80 -32.69
N ALA B 54 -4.30 3.08 -31.84
CA ALA B 54 -4.43 2.40 -30.53
C ALA B 54 -5.11 1.01 -30.68
N GLY B 55 -5.49 0.62 -31.89
CA GLY B 55 -6.07 -0.71 -32.17
C GLY B 55 -7.56 -0.79 -31.89
N LEU B 56 -8.25 0.35 -31.92
CA LEU B 56 -9.72 0.32 -31.78
C LEU B 56 -10.35 -0.04 -33.13
N GLY B 57 -11.56 -0.58 -33.11
CA GLY B 57 -12.27 -1.00 -34.31
C GLY B 57 -12.82 0.19 -35.04
N GLN B 58 -13.09 1.26 -34.29
CA GLN B 58 -13.81 2.45 -34.83
C GLN B 58 -12.94 3.70 -34.58
N SER B 59 -12.76 4.51 -35.61
CA SER B 59 -12.05 5.82 -35.65
C SER B 59 -12.66 6.78 -34.60
N LEU B 60 -11.84 7.63 -33.97
CA LEU B 60 -12.33 8.55 -32.91
C LEU B 60 -12.48 9.96 -33.47
N GLY B 61 -12.02 10.18 -34.69
CA GLY B 61 -11.95 11.53 -35.28
C GLY B 61 -10.99 12.42 -34.51
N VAL B 62 -9.92 11.83 -33.98
CA VAL B 62 -8.81 12.60 -33.36
C VAL B 62 -7.54 12.28 -34.15
N ARG B 63 -7.11 13.19 -35.00
CA ARG B 63 -5.89 13.03 -35.83
C ARG B 63 -4.65 13.23 -34.95
N ILE B 64 -3.65 12.37 -35.12
CA ILE B 64 -2.30 12.54 -34.50
C ILE B 64 -1.60 13.71 -35.22
N HIS B 65 -1.25 14.73 -34.45
CA HIS B 65 -0.56 15.96 -34.90
C HIS B 65 0.91 15.85 -34.51
N PRO B 66 1.81 16.47 -35.30
CA PRO B 66 3.21 16.54 -34.94
C PRO B 66 3.34 17.60 -33.86
N PRO B 67 4.40 17.51 -33.03
CA PRO B 67 4.55 18.44 -31.90
C PRO B 67 4.73 19.91 -32.31
N ASP B 68 5.12 20.24 -33.56
CA ASP B 68 5.21 21.65 -34.02
C ASP B 68 3.80 22.25 -34.09
N GLN B 69 2.75 21.41 -34.05
CA GLN B 69 1.34 21.87 -34.06
C GLN B 69 0.74 21.74 -32.68
N ALA B 70 1.54 21.46 -31.64
CA ALA B 70 0.99 21.17 -30.28
C ALA B 70 0.19 22.36 -29.75
N ASP B 71 0.65 23.60 -29.91
CA ASP B 71 -0.09 24.77 -29.37
C ASP B 71 -1.49 24.78 -29.99
N ALA B 72 -1.60 24.59 -31.30
CA ALA B 72 -2.89 24.69 -32.00
C ALA B 72 -3.81 23.57 -31.45
N VAL B 73 -3.28 22.36 -31.23
CA VAL B 73 -4.16 21.27 -30.74
C VAL B 73 -4.55 21.53 -29.29
N PHE B 74 -3.69 22.13 -28.44
CA PHE B 74 -4.09 22.47 -27.07
C PHE B 74 -5.15 23.57 -27.10
N ARG B 75 -4.99 24.58 -27.96
CA ARG B 75 -5.98 25.71 -28.01
C ARG B 75 -7.36 25.13 -28.35
N GLU B 76 -7.41 24.22 -29.33
CA GLU B 76 -8.68 23.62 -29.83
C GLU B 76 -9.28 22.68 -28.79
N ALA B 77 -8.45 21.91 -28.09
CA ALA B 77 -8.85 20.70 -27.33
C ALA B 77 -9.53 21.05 -25.99
N ARG B 78 -9.21 22.19 -25.34
CA ARG B 78 -9.80 22.55 -24.02
C ARG B 78 -9.68 21.33 -23.09
N ALA B 79 -8.45 20.83 -22.97
CA ALA B 79 -8.16 19.59 -22.23
C ALA B 79 -8.07 19.88 -20.72
N ASP B 80 -8.40 18.87 -19.95
CA ASP B 80 -8.19 18.81 -18.47
C ASP B 80 -6.78 18.27 -18.20
N VAL B 81 -6.34 17.32 -19.00
CA VAL B 81 -5.09 16.56 -18.72
C VAL B 81 -4.34 16.30 -20.03
N CYS B 82 -3.02 16.41 -19.97
CA CYS B 82 -2.10 15.88 -20.98
C CYS B 82 -1.33 14.74 -20.33
N ILE B 83 -1.39 13.56 -20.92
CA ILE B 83 -0.58 12.39 -20.51
C ILE B 83 0.59 12.36 -21.46
N LEU B 84 1.79 12.40 -20.90
CA LEU B 84 3.04 12.53 -21.69
C LEU B 84 3.80 11.21 -21.54
N CYS B 85 3.87 10.48 -22.63
CA CYS B 85 4.56 9.18 -22.76
C CYS B 85 5.54 9.28 -23.93
N THR B 86 6.70 9.87 -23.69
CA THR B 86 7.67 10.19 -24.76
C THR B 86 9.07 9.75 -24.34
N ARG B 87 9.66 10.52 -23.45
CA ARG B 87 11.10 10.37 -23.11
C ARG B 87 11.23 10.17 -21.61
N SER B 88 12.46 9.98 -21.14
CA SER B 88 12.74 9.53 -19.75
C SER B 88 13.26 10.68 -18.89
N ILE B 89 13.91 11.67 -19.49
CA ILE B 89 14.71 12.67 -18.73
C ILE B 89 14.02 14.02 -18.86
N MET B 90 14.05 14.78 -17.77
CA MET B 90 13.34 16.08 -17.68
C MET B 90 13.75 16.98 -18.87
N SER B 91 15.03 17.06 -19.24
CA SER B 91 15.48 18.00 -20.30
C SER B 91 14.69 17.71 -21.59
N GLU B 92 14.34 16.45 -21.85
CA GLU B 92 13.61 16.03 -23.07
C GLU B 92 12.09 16.12 -22.90
N LEU B 93 11.60 16.18 -21.67
CA LEU B 93 10.14 16.33 -21.39
C LEU B 93 9.74 17.80 -21.29
N ALA B 94 10.69 18.68 -21.02
CA ALA B 94 10.39 20.08 -20.62
C ALA B 94 9.58 20.77 -21.73
N GLY B 95 9.94 20.53 -23.00
CA GLY B 95 9.25 21.15 -24.14
C GLY B 95 7.76 20.94 -24.04
N ALA B 96 7.35 19.68 -23.90
CA ALA B 96 5.93 19.29 -23.86
C ALA B 96 5.28 19.79 -22.55
N LEU B 97 5.99 19.72 -21.41
CA LEU B 97 5.40 20.13 -20.12
C LEU B 97 5.15 21.63 -20.17
N ARG B 98 6.05 22.38 -20.82
CA ARG B 98 5.85 23.85 -20.94
C ARG B 98 4.59 24.14 -21.76
N VAL B 99 4.38 23.43 -22.87
CA VAL B 99 3.16 23.62 -23.68
C VAL B 99 1.93 23.35 -22.81
N ALA B 100 1.89 22.23 -22.10
CA ALA B 100 0.74 21.86 -21.25
C ALA B 100 0.46 22.99 -20.24
N ALA B 101 1.49 23.38 -19.51
CA ALA B 101 1.37 24.39 -18.45
C ALA B 101 0.93 25.74 -19.07
N ARG B 102 1.51 26.13 -20.20
CA ARG B 102 1.13 27.43 -20.81
C ARG B 102 -0.34 27.44 -21.23
N HIS B 103 -0.97 26.29 -21.44
CA HIS B 103 -2.39 26.19 -21.81
C HIS B 103 -3.29 25.89 -20.61
N GLY B 104 -2.73 25.89 -19.40
CA GLY B 104 -3.51 25.65 -18.18
C GLY B 104 -3.97 24.22 -18.07
N VAL B 105 -3.25 23.28 -18.68
CA VAL B 105 -3.63 21.85 -18.73
C VAL B 105 -2.72 21.07 -17.75
N ASN B 106 -3.36 20.36 -16.83
CA ASN B 106 -2.65 19.46 -15.88
C ASN B 106 -1.90 18.44 -16.70
N ALA B 107 -0.69 18.04 -16.27
CA ALA B 107 0.06 17.05 -17.06
C ALA B 107 0.58 15.97 -16.12
N ILE B 108 0.61 14.76 -16.65
CA ILE B 108 1.18 13.61 -15.90
C ILE B 108 2.06 12.88 -16.89
N THR B 109 3.30 12.63 -16.51
CA THR B 109 4.19 11.91 -17.43
C THR B 109 4.64 10.61 -16.78
N ILE B 110 4.93 9.63 -17.62
CA ILE B 110 5.55 8.36 -17.17
C ILE B 110 7.07 8.47 -17.35
N GLY B 111 7.60 9.57 -17.90
CA GLY B 111 9.05 9.83 -17.90
C GLY B 111 9.64 9.62 -16.53
N GLU B 112 10.60 8.70 -16.43
CA GLU B 112 11.00 8.17 -15.12
C GLU B 112 11.59 9.29 -14.24
N GLU B 113 12.36 10.23 -14.79
CA GLU B 113 12.99 11.25 -13.91
C GLU B 113 11.90 12.10 -13.24
N ALA B 114 10.81 12.34 -13.95
CA ALA B 114 9.71 13.23 -13.52
C ALA B 114 9.01 12.71 -12.26
N PHE B 115 9.16 11.41 -11.95
CA PHE B 115 8.61 10.84 -10.71
C PHE B 115 9.07 11.66 -9.48
N TYR B 116 10.34 12.07 -9.47
CA TYR B 116 10.89 12.86 -8.35
C TYR B 116 12.18 13.54 -8.85
N PRO B 117 12.03 14.66 -9.59
CA PRO B 117 13.15 15.32 -10.25
C PRO B 117 13.78 16.47 -9.48
N TRP B 118 13.39 16.64 -8.23
CA TRP B 118 13.73 17.85 -7.44
C TRP B 118 15.24 18.04 -7.30
N THR B 119 16.03 16.96 -7.20
CA THR B 119 17.51 17.11 -7.10
C THR B 119 18.25 16.78 -8.39
N THR B 120 17.76 15.85 -9.21
CA THR B 120 18.45 15.46 -10.45
C THR B 120 18.24 16.55 -11.53
N SER B 121 17.11 17.26 -11.55
CA SER B 121 16.82 18.37 -12.50
C SER B 121 16.12 19.49 -11.74
N GLN B 122 16.84 20.06 -10.77
CA GLN B 122 16.21 21.00 -9.83
C GLN B 122 15.69 22.22 -10.59
N ALA B 123 16.52 22.80 -11.43
CA ALA B 123 16.15 24.07 -12.13
C ALA B 123 14.91 23.86 -12.99
N LEU B 124 14.87 22.80 -13.81
CA LEU B 124 13.70 22.55 -14.68
C LEU B 124 12.48 22.35 -13.81
N THR B 125 12.59 21.64 -12.68
CA THR B 125 11.44 21.35 -11.84
C THR B 125 10.89 22.66 -11.26
N GLU B 126 11.78 23.51 -10.75
CA GLU B 126 11.38 24.80 -10.16
C GLU B 126 10.75 25.72 -11.22
N GLU B 127 11.30 25.70 -12.42
CA GLU B 127 10.76 26.52 -13.56
C GLU B 127 9.34 26.03 -13.90
N LEU B 128 9.18 24.72 -14.06
CA LEU B 128 7.86 24.14 -14.37
C LEU B 128 6.88 24.40 -13.24
N ASP B 129 7.34 24.36 -11.98
CA ASP B 129 6.47 24.57 -10.82
C ASP B 129 5.85 25.99 -10.92
N GLN B 130 6.70 26.96 -11.17
CA GLN B 130 6.23 28.38 -11.26
C GLN B 130 5.27 28.55 -12.46
N LEU B 131 5.56 27.88 -13.57
CA LEU B 131 4.75 28.01 -14.81
C LEU B 131 3.39 27.36 -14.61
N ALA B 132 3.35 26.18 -13.97
CA ALA B 132 2.09 25.50 -13.62
C ALA B 132 1.25 26.38 -12.66
N ARG B 133 1.87 26.96 -11.64
CA ARG B 133 1.17 27.79 -10.64
C ARG B 133 0.58 29.02 -11.36
N ALA B 134 1.34 29.58 -12.28
CA ALA B 134 0.87 30.77 -13.05
C ALA B 134 -0.35 30.41 -13.91
N ASN B 135 -0.54 29.13 -14.28
CA ASN B 135 -1.61 28.67 -15.18
C ASN B 135 -2.62 27.81 -14.42
N ASP B 136 -2.61 27.83 -13.08
CA ASP B 136 -3.67 27.15 -12.27
C ASP B 136 -3.76 25.67 -12.67
N CYS B 137 -2.63 25.01 -12.84
CA CYS B 137 -2.63 23.57 -13.24
C CYS B 137 -1.45 22.87 -12.54
N THR B 138 -1.47 21.57 -12.55
CA THR B 138 -0.56 20.67 -11.82
C THR B 138 0.18 19.80 -12.82
N LEU B 139 1.50 19.67 -12.64
CA LEU B 139 2.37 18.72 -13.36
C LEU B 139 2.83 17.68 -12.35
N THR B 140 2.93 16.43 -12.79
CA THR B 140 3.43 15.37 -11.89
C THR B 140 4.01 14.25 -12.74
N GLY B 141 4.79 13.39 -12.09
CA GLY B 141 5.28 12.14 -12.68
C GLY B 141 4.61 10.96 -12.01
N SER B 142 4.25 9.95 -12.80
CA SER B 142 3.73 8.71 -12.19
C SER B 142 4.17 7.54 -13.07
N GLY B 143 3.47 6.45 -12.94
CA GLY B 143 3.81 5.20 -13.64
C GLY B 143 3.98 4.07 -12.66
N PHE B 144 4.76 3.07 -13.06
CA PHE B 144 4.91 1.82 -12.30
C PHE B 144 5.52 2.09 -10.92
N GLN B 145 6.44 3.09 -10.83
CA GLN B 145 7.16 3.36 -9.59
C GLN B 145 6.18 3.81 -8.48
N ASP B 146 5.10 4.49 -8.84
CA ASP B 146 4.16 5.16 -7.90
C ASP B 146 3.70 4.18 -6.82
N VAL B 147 3.31 2.96 -7.22
CA VAL B 147 3.07 1.88 -6.25
C VAL B 147 4.32 1.02 -6.10
N PHE B 148 4.91 0.51 -7.19
CA PHE B 148 5.80 -0.68 -7.12
C PHE B 148 7.25 -0.31 -6.77
N ALA B 149 7.55 0.96 -6.59
CA ALA B 149 8.81 1.40 -5.95
C ALA B 149 8.51 2.59 -5.05
N GLY B 150 7.30 2.57 -4.47
CA GLY B 150 6.71 3.76 -3.83
C GLY B 150 5.78 3.35 -2.72
N ASN B 151 4.49 3.55 -2.94
CA ASN B 151 3.49 3.29 -1.89
C ASN B 151 3.35 1.81 -1.48
N LEU B 152 3.71 0.85 -2.28
CA LEU B 152 3.79 -0.55 -1.77
C LEU B 152 4.76 -0.60 -0.59
N ILE B 153 5.89 0.07 -0.73
CA ILE B 153 6.93 0.05 0.34
C ILE B 153 6.44 0.87 1.55
N THR B 154 5.87 2.06 1.34
CA THR B 154 5.51 2.94 2.47
C THR B 154 4.27 2.40 3.21
N VAL B 155 3.40 1.67 2.52
CA VAL B 155 2.27 1.01 3.21
C VAL B 155 2.82 -0.07 4.15
N LEU B 156 3.82 -0.84 3.71
CA LEU B 156 4.44 -1.87 4.57
C LEU B 156 5.28 -1.24 5.68
N ALA B 157 5.91 -0.09 5.42
CA ALA B 157 6.67 0.66 6.43
C ALA B 157 5.73 1.07 7.58
N GLY B 158 4.44 1.32 7.29
CA GLY B 158 3.47 1.66 8.33
C GLY B 158 3.15 0.51 9.27
N ALA B 159 3.56 -0.75 8.95
CA ALA B 159 3.37 -1.92 9.82
C ALA B 159 4.71 -2.37 10.44
N THR B 160 5.74 -1.51 10.38
CA THR B 160 7.10 -1.89 10.77
C THR B 160 7.48 -1.15 12.05
N HIS B 161 8.09 -1.86 13.00
CA HIS B 161 8.49 -1.25 14.30
C HIS B 161 9.79 -0.44 14.12
N ARG B 162 10.79 -1.03 13.47
CA ARG B 162 12.09 -0.38 13.24
C ARG B 162 12.56 -0.72 11.84
N ILE B 163 12.90 0.27 11.05
CA ILE B 163 13.52 0.08 9.71
C ILE B 163 15.02 0.37 9.74
N ASP B 164 15.81 -0.63 9.47
CA ASP B 164 17.29 -0.48 9.33
C ASP B 164 17.64 -0.26 7.86
N ARG B 165 17.02 -1.00 6.94
CA ARG B 165 17.38 -0.96 5.51
C ARG B 165 16.17 -1.40 4.72
N ILE B 166 15.93 -0.74 3.59
CA ILE B 166 14.96 -1.24 2.60
C ILE B 166 15.74 -1.71 1.39
N VAL B 167 15.52 -2.98 0.99
CA VAL B 167 16.23 -3.56 -0.17
C VAL B 167 15.22 -3.97 -1.21
N GLY B 168 15.40 -3.46 -2.42
CA GLY B 168 14.48 -3.71 -3.55
C GLY B 168 15.14 -4.32 -4.75
N LEU B 169 14.37 -5.12 -5.48
CA LEU B 169 14.71 -5.62 -6.82
C LEU B 169 13.53 -5.35 -7.74
N THR B 170 13.79 -4.64 -8.83
CA THR B 170 12.82 -4.36 -9.88
C THR B 170 13.46 -4.72 -11.22
N GLN B 171 12.84 -5.63 -11.95
CA GLN B 171 13.29 -6.02 -13.29
C GLN B 171 12.12 -5.90 -14.24
N TYR B 172 12.37 -5.26 -15.38
CA TYR B 172 11.38 -5.05 -16.44
C TYR B 172 12.03 -5.36 -17.79
N ASN B 173 11.16 -5.58 -18.76
CA ASN B 173 11.50 -6.03 -20.14
C ASN B 173 11.73 -4.78 -20.98
N ALA B 174 12.98 -4.51 -21.34
CA ALA B 174 13.32 -3.30 -22.13
C ALA B 174 12.51 -3.29 -23.44
N ASP B 175 11.96 -4.41 -23.88
CA ASP B 175 11.20 -4.47 -25.15
C ASP B 175 9.72 -4.13 -25.00
N ASP B 176 9.22 -3.94 -23.78
CA ASP B 176 7.76 -3.65 -23.57
C ASP B 176 7.52 -2.16 -23.79
N TYR B 177 8.57 -1.38 -23.98
CA TYR B 177 8.48 0.09 -24.00
C TYR B 177 9.08 0.51 -25.34
N GLY B 178 9.09 1.78 -25.65
CA GLY B 178 9.62 2.18 -26.97
C GLY B 178 11.12 2.29 -26.99
N SER B 179 11.61 2.89 -28.07
CA SER B 179 13.04 3.08 -28.38
C SER B 179 13.72 3.94 -27.31
N ALA B 180 13.06 4.95 -26.74
CA ALA B 180 13.72 5.86 -25.77
C ALA B 180 14.21 5.05 -24.56
N LEU B 181 13.39 4.15 -24.05
CA LEU B 181 13.77 3.36 -22.85
C LEU B 181 14.92 2.41 -23.24
N ALA B 182 14.81 1.72 -24.37
CA ALA B 182 15.89 0.82 -24.84
C ALA B 182 17.21 1.60 -24.96
N GLN B 183 17.18 2.82 -25.51
CA GLN B 183 18.39 3.67 -25.66
C GLN B 183 18.98 4.07 -24.31
N LYS B 184 18.14 4.53 -23.37
CA LYS B 184 18.54 4.88 -21.98
C LYS B 184 19.25 3.69 -21.33
N HIS B 185 18.89 2.46 -21.73
CA HIS B 185 19.44 1.21 -21.11
C HIS B 185 20.64 0.65 -21.90
N GLY B 186 21.06 1.31 -22.99
CA GLY B 186 22.23 0.91 -23.80
C GLY B 186 21.99 -0.36 -24.59
N VAL B 187 20.74 -0.69 -24.89
CA VAL B 187 20.41 -1.97 -25.59
C VAL B 187 21.08 -1.99 -26.97
N GLY B 188 21.89 -3.02 -27.25
CA GLY B 188 22.57 -3.21 -28.54
C GLY B 188 23.94 -2.57 -28.55
N LEU B 189 24.36 -1.87 -27.50
CA LEU B 189 25.71 -1.25 -27.46
C LEU B 189 26.75 -2.34 -27.24
N ASP B 190 27.88 -2.21 -27.92
CA ASP B 190 29.06 -3.05 -27.60
C ASP B 190 29.58 -2.63 -26.22
N PRO B 191 30.32 -3.52 -25.53
CA PRO B 191 30.82 -3.19 -24.19
C PRO B 191 31.55 -1.84 -24.06
N GLU B 192 32.37 -1.44 -25.03
CA GLU B 192 33.11 -0.15 -24.98
C GLU B 192 32.16 1.04 -25.04
N THR B 193 31.24 1.03 -26.00
CA THR B 193 30.29 2.15 -26.24
C THR B 193 29.37 2.26 -25.02
N PHE B 194 28.98 1.11 -24.46
CA PHE B 194 28.16 1.07 -23.21
C PHE B 194 28.94 1.77 -22.11
N ALA B 195 30.18 1.35 -21.85
CA ALA B 195 31.04 1.97 -20.82
C ALA B 195 31.11 3.48 -21.07
N ALA B 196 31.34 3.89 -22.32
CA ALA B 196 31.65 5.29 -22.67
C ALA B 196 30.40 6.16 -22.56
N ARG B 197 29.25 5.66 -23.03
CA ARG B 197 27.99 6.45 -23.12
C ARG B 197 27.15 6.27 -21.84
N ILE B 198 26.95 5.02 -21.43
CA ILE B 198 25.97 4.71 -20.32
C ILE B 198 26.71 4.69 -18.98
N GLY B 199 27.69 3.81 -18.84
CA GLY B 199 28.47 3.62 -17.60
C GLY B 199 29.09 4.90 -17.09
N ALA B 200 29.80 5.62 -17.96
CA ALA B 200 30.62 6.81 -17.62
C ALA B 200 29.72 7.98 -17.22
N SER B 201 28.63 8.21 -17.95
CA SER B 201 27.72 9.34 -17.65
C SER B 201 26.94 9.02 -16.37
N ASN B 202 26.64 7.74 -16.11
CA ASN B 202 25.96 7.33 -14.85
C ASN B 202 24.68 8.15 -14.64
N SER B 203 23.87 8.35 -15.68
CA SER B 203 22.58 9.08 -15.60
C SER B 203 21.70 8.38 -14.57
N PRO B 204 20.86 9.10 -13.81
CA PRO B 204 20.03 8.47 -12.78
C PRO B 204 19.10 7.40 -13.38
N SER B 205 19.21 6.16 -12.90
CA SER B 205 18.21 5.10 -13.20
C SER B 205 16.88 5.49 -12.54
N TYR B 206 15.82 4.77 -12.85
CA TYR B 206 14.47 5.12 -12.32
C TYR B 206 14.49 5.03 -10.80
N VAL B 207 15.29 4.14 -10.23
CA VAL B 207 15.26 3.93 -8.75
C VAL B 207 16.10 4.96 -8.00
N TRP B 208 16.93 5.74 -8.68
CA TRP B 208 17.55 6.93 -8.05
C TRP B 208 16.43 7.87 -7.61
N ASN B 209 15.56 8.19 -8.56
CA ASN B 209 14.46 9.15 -8.31
C ASN B 209 13.41 8.49 -7.41
N SER B 210 13.06 7.22 -7.62
CA SER B 210 12.03 6.60 -6.76
C SER B 210 12.59 6.41 -5.34
N ASN B 211 13.89 6.20 -5.12
CA ASN B 211 14.42 6.10 -3.75
C ASN B 211 14.34 7.49 -3.07
N GLU B 212 14.56 8.56 -3.82
CA GLU B 212 14.37 9.93 -3.30
C GLU B 212 12.90 10.13 -2.92
N TRP B 213 11.98 9.67 -3.76
CA TRP B 213 10.53 9.74 -3.53
C TRP B 213 10.20 9.03 -2.21
N LEU B 214 10.73 7.81 -2.00
CA LEU B 214 10.52 7.08 -0.73
C LEU B 214 11.02 7.91 0.46
N CYS B 215 12.21 8.49 0.38
CA CYS B 215 12.77 9.26 1.49
C CYS B 215 11.84 10.44 1.76
N ALA B 216 11.34 11.10 0.72
CA ALA B 216 10.44 12.27 0.89
C ALA B 216 9.17 11.80 1.62
N GLN B 217 8.56 10.71 1.16
CA GLN B 217 7.31 10.27 1.81
C GLN B 217 7.55 9.78 3.23
N LEU B 218 8.68 9.15 3.54
CA LEU B 218 8.98 8.60 4.89
C LEU B 218 9.47 9.70 5.84
N GLY B 219 9.75 10.89 5.32
CA GLY B 219 10.25 12.02 6.13
C GLY B 219 11.73 11.90 6.45
N TRP B 220 12.50 11.24 5.59
CA TRP B 220 13.97 11.12 5.69
C TRP B 220 14.65 12.16 4.82
N ARG B 221 15.86 12.55 5.22
CA ARG B 221 16.71 13.47 4.45
C ARG B 221 17.84 12.67 3.81
N VAL B 222 18.04 12.84 2.52
CA VAL B 222 19.09 12.11 1.78
C VAL B 222 20.44 12.72 2.14
N ARG B 223 21.40 11.86 2.45
CA ARG B 223 22.80 12.35 2.71
C ARG B 223 23.71 12.00 1.54
N ASP B 224 23.54 10.84 0.89
CA ASP B 224 24.35 10.55 -0.32
C ASP B 224 23.55 9.58 -1.16
N ILE B 225 23.81 9.63 -2.45
CA ILE B 225 23.32 8.61 -3.42
C ILE B 225 24.48 8.12 -4.25
N ARG B 226 24.61 6.80 -4.35
CA ARG B 226 25.67 6.16 -5.15
C ARG B 226 25.01 5.18 -6.09
N GLN B 227 25.30 5.30 -7.36
CA GLN B 227 24.76 4.38 -8.39
C GLN B 227 25.91 3.76 -9.16
N GLN B 228 25.78 2.48 -9.48
CA GLN B 228 26.63 1.87 -10.53
C GLN B 228 25.74 1.26 -11.60
N LEU B 229 26.04 1.55 -12.87
CA LEU B 229 25.35 1.01 -14.06
C LEU B 229 26.29 -0.02 -14.69
N LEU B 230 25.82 -1.23 -14.88
CA LEU B 230 26.55 -2.29 -15.59
C LEU B 230 25.67 -2.80 -16.72
N PRO B 231 26.25 -3.23 -17.87
CA PRO B 231 25.45 -3.82 -18.93
C PRO B 231 24.96 -5.17 -18.46
N THR B 232 23.76 -5.52 -18.88
CA THR B 232 23.31 -6.90 -18.95
C THR B 232 23.75 -7.55 -20.26
N THR B 233 23.83 -8.87 -20.21
CA THR B 233 24.35 -9.70 -21.30
C THR B 233 23.52 -10.98 -21.39
N HIS B 234 23.49 -11.62 -22.56
CA HIS B 234 23.02 -13.01 -22.71
C HIS B 234 24.06 -13.82 -23.48
N THR B 235 23.94 -15.14 -23.37
CA THR B 235 24.88 -16.13 -23.97
C THR B 235 24.47 -16.43 -25.42
N GLY B 236 23.35 -15.84 -25.87
CA GLY B 236 22.76 -16.03 -27.21
C GLY B 236 22.31 -14.70 -27.78
N THR B 237 22.05 -14.65 -29.08
CA THR B 237 21.51 -13.43 -29.72
C THR B 237 20.10 -13.22 -29.16
N LEU B 238 19.74 -11.96 -28.87
CA LEU B 238 18.37 -11.57 -28.52
C LEU B 238 17.93 -10.49 -29.48
N ARG B 239 16.62 -10.31 -29.65
CA ARG B 239 16.00 -9.32 -30.57
C ARG B 239 15.29 -8.23 -29.75
N SER B 240 15.55 -6.96 -30.04
CA SER B 240 14.76 -5.80 -29.58
C SER B 240 13.70 -5.46 -30.63
N ALA B 241 12.40 -5.69 -30.35
CA ALA B 241 11.29 -5.27 -31.25
C ALA B 241 11.19 -3.73 -31.27
N SER B 242 11.51 -3.07 -30.17
CA SER B 242 11.37 -1.60 -30.05
C SER B 242 12.43 -0.92 -30.93
N LEU B 243 13.63 -1.49 -31.03
CA LEU B 243 14.71 -0.90 -31.87
C LEU B 243 14.76 -1.62 -33.21
N GLY B 244 14.09 -2.74 -33.36
CA GLY B 244 14.16 -3.60 -34.55
C GLY B 244 15.59 -4.04 -34.78
N ARG B 245 16.26 -4.51 -33.73
CA ARG B 245 17.69 -4.87 -33.80
C ARG B 245 17.92 -6.24 -33.20
N GLU B 246 18.81 -7.02 -33.80
CA GLU B 246 19.40 -8.22 -33.16
C GLU B 246 20.59 -7.74 -32.32
N VAL B 247 20.75 -8.34 -31.14
CA VAL B 247 21.82 -7.98 -30.18
C VAL B 247 22.67 -9.23 -29.98
N PRO B 248 23.91 -9.28 -30.51
CA PRO B 248 24.70 -10.50 -30.40
C PRO B 248 25.17 -10.74 -28.94
N ALA B 249 25.38 -12.00 -28.62
CA ALA B 249 25.94 -12.44 -27.33
C ALA B 249 27.14 -11.57 -26.98
N GLY B 250 27.14 -10.96 -25.79
CA GLY B 250 28.24 -10.15 -25.25
C GLY B 250 27.99 -8.67 -25.38
N HIS B 251 27.13 -8.28 -26.32
CA HIS B 251 26.65 -6.88 -26.42
C HIS B 251 25.67 -6.65 -25.24
N ALA B 252 25.50 -5.38 -24.90
CA ALA B 252 24.54 -4.96 -23.84
C ALA B 252 23.13 -5.30 -24.30
N THR B 253 22.41 -6.07 -23.51
CA THR B 253 20.98 -6.39 -23.70
C THR B 253 20.14 -5.41 -22.86
N GLY B 254 20.80 -4.45 -22.22
CA GLY B 254 20.21 -3.49 -21.28
C GLY B 254 21.15 -3.20 -20.13
N MET B 255 20.62 -2.83 -18.97
CA MET B 255 21.51 -2.42 -17.87
C MET B 255 20.90 -2.79 -16.52
N LYS B 256 21.80 -3.02 -15.58
CA LYS B 256 21.48 -3.24 -14.17
C LYS B 256 22.03 -2.06 -13.40
N ALA B 257 21.18 -1.38 -12.66
CA ALA B 257 21.55 -0.27 -11.78
C ALA B 257 21.48 -0.74 -10.32
N VAL B 258 22.50 -0.44 -9.53
CA VAL B 258 22.39 -0.56 -8.07
C VAL B 258 22.50 0.84 -7.49
N VAL B 259 21.44 1.29 -6.80
CA VAL B 259 21.40 2.62 -6.15
C VAL B 259 21.36 2.39 -4.64
N VAL B 260 22.28 3.01 -3.92
CA VAL B 260 22.30 3.03 -2.43
C VAL B 260 22.05 4.48 -2.02
N THR B 261 20.94 4.66 -1.32
CA THR B 261 20.42 5.98 -0.88
C THR B 261 20.58 6.00 0.63
N GLU B 262 21.50 6.83 1.12
CA GLU B 262 21.89 6.91 2.56
C GLU B 262 21.13 8.12 3.10
N THR B 263 20.57 8.02 4.30
CA THR B 263 19.85 9.13 4.93
C THR B 263 20.68 9.70 6.09
N HIS B 264 20.41 10.96 6.44
CA HIS B 264 20.91 11.56 7.70
C HIS B 264 20.36 10.78 8.90
N GLU B 265 19.11 10.33 8.84
CA GLU B 265 18.42 9.65 9.95
C GLU B 265 19.09 8.28 10.21
N GLY B 266 19.63 7.64 9.19
CA GLY B 266 20.36 6.36 9.35
C GLY B 266 19.88 5.24 8.42
N PRO B 267 18.58 5.01 8.24
CA PRO B 267 18.12 3.97 7.31
C PRO B 267 18.68 4.19 5.91
N VAL B 268 18.87 3.10 5.20
CA VAL B 268 19.43 3.08 3.84
C VAL B 268 18.42 2.39 2.95
N ILE B 269 18.28 2.88 1.74
CA ILE B 269 17.47 2.21 0.69
C ILE B 269 18.43 1.75 -0.39
N GLU B 270 18.47 0.44 -0.60
CA GLU B 270 19.36 -0.21 -1.58
C GLU B 270 18.46 -0.87 -2.63
N THR B 271 18.52 -0.37 -3.86
CA THR B 271 17.60 -0.78 -4.93
C THR B 271 18.38 -1.26 -6.13
N HIS B 272 18.02 -2.45 -6.59
CA HIS B 272 18.59 -3.11 -7.77
C HIS B 272 17.54 -2.99 -8.88
N CYS B 273 17.93 -2.44 -10.01
CA CYS B 273 17.02 -2.07 -11.09
C CYS B 273 17.56 -2.59 -12.43
N VAL B 274 16.88 -3.57 -13.01
CA VAL B 274 17.31 -4.24 -14.27
C VAL B 274 16.27 -3.98 -15.36
N GLY B 275 16.68 -3.35 -16.45
CA GLY B 275 15.87 -3.18 -17.66
C GLY B 275 16.62 -3.81 -18.81
N LYS B 276 16.11 -4.89 -19.38
CA LYS B 276 16.87 -5.61 -20.42
C LYS B 276 15.95 -6.43 -21.32
N LEU B 277 16.52 -6.90 -22.43
CA LEU B 277 15.88 -7.95 -23.27
C LEU B 277 15.92 -9.28 -22.50
N TYR B 278 14.87 -10.06 -22.64
CA TYR B 278 14.65 -11.30 -21.87
C TYR B 278 15.07 -12.52 -22.70
N ALA B 279 15.83 -13.39 -22.05
CA ALA B 279 16.18 -14.74 -22.52
C ALA B 279 14.96 -15.59 -22.25
N PRO B 280 14.82 -16.77 -22.91
CA PRO B 280 13.68 -17.65 -22.65
C PRO B 280 13.45 -17.90 -21.16
N GLY B 281 12.20 -17.72 -20.74
CA GLY B 281 11.72 -18.04 -19.38
C GLY B 281 11.92 -16.90 -18.38
N GLU B 282 12.58 -15.80 -18.78
CA GLU B 282 12.76 -14.63 -17.90
C GLU B 282 11.43 -13.89 -17.79
N VAL B 283 11.20 -13.28 -16.63
CA VAL B 283 9.93 -12.60 -16.32
C VAL B 283 10.27 -11.32 -15.55
N ASP B 284 9.33 -10.41 -15.53
CA ASP B 284 9.46 -9.21 -14.67
C ASP B 284 9.53 -9.68 -13.21
N LEU B 285 10.23 -8.93 -12.37
CA LEU B 285 10.45 -9.22 -10.95
C LEU B 285 10.18 -7.96 -10.14
N ASN B 286 9.55 -8.15 -8.99
CA ASN B 286 9.37 -7.04 -8.02
C ASN B 286 9.40 -7.68 -6.64
N GLU B 287 10.42 -7.37 -5.87
CA GLU B 287 10.58 -7.94 -4.53
C GLU B 287 11.28 -6.92 -3.63
N TRP B 288 10.74 -6.74 -2.46
CA TRP B 288 11.22 -5.76 -1.46
C TRP B 288 11.32 -6.41 -0.11
N THR B 289 12.34 -6.03 0.64
CA THR B 289 12.47 -6.44 2.03
C THR B 289 12.69 -5.20 2.87
N LEU B 290 11.84 -5.01 3.86
CA LEU B 290 12.08 -4.05 4.95
C LEU B 290 12.81 -4.84 6.04
N ARG B 291 14.09 -4.54 6.22
CA ARG B 291 14.93 -5.18 7.24
C ARG B 291 14.93 -4.34 8.50
N GLY B 292 14.69 -4.99 9.63
CA GLY B 292 14.63 -4.34 10.93
C GLY B 292 13.76 -5.16 11.83
N GLU B 293 12.77 -4.55 12.46
CA GLU B 293 11.87 -5.34 13.33
C GLU B 293 10.44 -5.03 12.90
N PRO B 294 9.65 -6.00 12.41
CA PRO B 294 10.13 -7.30 11.98
C PRO B 294 10.78 -7.12 10.60
N ASP B 295 11.37 -8.20 10.08
CA ASP B 295 11.79 -8.26 8.66
C ASP B 295 10.54 -8.63 7.88
N THR B 296 10.22 -7.88 6.86
CA THR B 296 9.09 -8.19 5.94
C THR B 296 9.59 -8.24 4.51
N THR B 297 9.29 -9.34 3.83
CA THR B 297 9.54 -9.49 2.39
C THR B 297 8.21 -9.58 1.66
N VAL B 298 8.08 -8.75 0.62
CA VAL B 298 6.91 -8.73 -0.30
C VAL B 298 7.38 -9.08 -1.71
N THR B 299 6.60 -9.91 -2.38
CA THR B 299 6.89 -10.34 -3.77
C THR B 299 5.65 -10.10 -4.61
N ILE B 300 5.80 -9.40 -5.72
CA ILE B 300 4.75 -9.36 -6.77
C ILE B 300 5.10 -10.46 -7.78
N ARG B 301 4.15 -11.37 -8.04
CA ARG B 301 4.41 -12.49 -8.99
C ARG B 301 4.24 -11.99 -10.42
N GLN B 302 5.32 -11.87 -11.19
CA GLN B 302 5.29 -11.52 -12.61
C GLN B 302 4.42 -10.30 -12.82
N PRO B 303 4.81 -9.14 -12.23
CA PRO B 303 3.99 -7.96 -12.42
C PRO B 303 3.77 -7.65 -13.92
N ALA B 304 2.56 -7.22 -14.27
CA ALA B 304 2.17 -6.81 -15.63
C ALA B 304 2.58 -5.35 -15.80
N THR B 305 3.90 -5.13 -15.81
CA THR B 305 4.48 -3.78 -15.61
C THR B 305 3.85 -2.75 -16.54
N PRO B 306 3.68 -3.00 -17.85
CA PRO B 306 3.11 -1.96 -18.72
C PRO B 306 1.67 -1.61 -18.37
N ALA B 307 0.85 -2.62 -18.07
CA ALA B 307 -0.56 -2.41 -17.70
C ALA B 307 -0.66 -1.66 -16.35
N LEU B 308 0.22 -2.01 -15.42
CA LEU B 308 0.28 -1.35 -14.09
C LEU B 308 0.69 0.10 -14.28
N THR B 309 1.67 0.36 -15.15
CA THR B 309 2.12 1.75 -15.43
C THR B 309 0.91 2.59 -15.87
N CYS B 310 0.21 2.15 -16.89
CA CYS B 310 -0.89 2.93 -17.50
C CYS B 310 -2.08 3.05 -16.54
N ALA B 311 -2.44 1.98 -15.83
CA ALA B 311 -3.61 2.01 -14.92
C ALA B 311 -3.37 3.00 -13.76
N THR B 312 -2.12 3.07 -13.26
CA THR B 312 -1.81 3.98 -12.16
C THR B 312 -1.99 5.41 -12.66
N VAL B 313 -1.51 5.68 -13.87
CA VAL B 313 -1.63 7.05 -14.45
C VAL B 313 -3.11 7.46 -14.45
N LEU B 314 -3.98 6.59 -14.96
CA LEU B 314 -5.41 6.99 -15.10
C LEU B 314 -6.03 7.10 -13.71
N ASN B 315 -5.70 6.21 -12.78
CA ASN B 315 -6.26 6.30 -11.41
C ASN B 315 -5.84 7.62 -10.72
N ARG B 316 -4.69 8.17 -11.09
CA ARG B 316 -4.19 9.43 -10.50
C ARG B 316 -4.95 10.66 -10.99
N LEU B 317 -5.68 10.57 -12.10
CA LEU B 317 -6.15 11.82 -12.74
C LEU B 317 -7.06 12.62 -11.82
N PRO B 318 -8.07 12.04 -11.13
CA PRO B 318 -8.91 12.89 -10.28
C PRO B 318 -8.07 13.64 -9.25
N GLN B 319 -7.06 13.00 -8.67
CA GLN B 319 -6.14 13.65 -7.71
C GLN B 319 -5.37 14.78 -8.40
N LEU B 320 -4.90 14.55 -9.61
CA LEU B 320 -4.13 15.55 -10.38
C LEU B 320 -5.01 16.81 -10.58
N LEU B 321 -6.28 16.61 -10.96
CA LEU B 321 -7.22 17.74 -11.20
C LEU B 321 -7.42 18.49 -9.90
N ALA B 322 -7.60 17.77 -8.79
CA ALA B 322 -7.91 18.34 -7.46
C ALA B 322 -6.66 18.94 -6.82
N ALA B 323 -5.46 18.56 -7.30
CA ALA B 323 -4.20 18.94 -6.65
C ALA B 323 -4.02 20.46 -6.73
N PRO B 324 -3.31 21.04 -5.78
CA PRO B 324 -2.91 22.43 -5.88
C PRO B 324 -2.01 22.65 -7.10
N PRO B 325 -2.06 23.85 -7.70
CA PRO B 325 -1.21 24.21 -8.84
C PRO B 325 0.29 24.11 -8.52
N GLY B 326 1.07 23.80 -9.56
CA GLY B 326 2.52 23.65 -9.48
C GLY B 326 3.00 22.30 -9.94
N PHE B 327 4.30 22.05 -9.81
CA PHE B 327 4.93 20.73 -10.01
C PHE B 327 4.84 20.02 -8.67
N VAL B 328 3.91 19.07 -8.58
CA VAL B 328 3.57 18.42 -7.29
C VAL B 328 3.79 16.94 -7.50
N THR B 329 4.88 16.43 -6.93
CA THR B 329 5.22 15.00 -7.05
C THR B 329 4.26 14.18 -6.18
N THR B 330 4.08 12.90 -6.50
CA THR B 330 2.99 12.09 -5.90
C THR B 330 3.30 11.72 -4.43
N ASP B 331 4.53 11.92 -3.96
CA ASP B 331 4.83 11.73 -2.52
C ASP B 331 3.95 12.67 -1.70
N ARG B 332 3.45 13.77 -2.27
CA ARG B 332 2.62 14.76 -1.57
C ARG B 332 1.12 14.39 -1.65
N PHE B 333 0.75 13.33 -2.37
CA PHE B 333 -0.66 12.88 -2.53
C PHE B 333 -0.86 11.72 -1.58
N THR B 334 -2.11 11.46 -1.20
CA THR B 334 -2.49 10.13 -0.66
C THR B 334 -2.32 9.12 -1.79
N PRO B 335 -2.20 7.79 -1.51
CA PRO B 335 -2.00 6.82 -2.57
C PRO B 335 -3.06 6.85 -3.66
N ALA B 336 -2.69 6.44 -4.87
CA ALA B 336 -3.65 6.33 -5.97
C ALA B 336 -4.75 5.37 -5.49
N THR B 337 -6.01 5.68 -5.79
CA THR B 337 -7.14 4.80 -5.47
C THR B 337 -7.72 4.32 -6.78
N TYR B 338 -8.36 3.16 -6.74
CA TYR B 338 -9.07 2.61 -7.91
C TYR B 338 -10.25 3.53 -8.28
N VAL B 339 -10.28 3.96 -9.53
CA VAL B 339 -11.31 4.90 -10.06
C VAL B 339 -12.06 4.13 -11.14
N SER B 340 -13.39 4.01 -10.98
CA SER B 340 -14.26 3.36 -12.00
C SER B 340 -14.54 4.35 -13.12
N ARG B 341 -14.65 5.64 -12.77
CA ARG B 341 -15.20 6.70 -13.66
C ARG B 341 -14.29 7.93 -13.64
N LEU B 342 -13.67 8.24 -14.76
CA LEU B 342 -12.83 9.45 -14.95
C LEU B 342 -13.75 10.59 -15.34
N GLU B 343 -14.45 11.16 -14.36
CA GLU B 343 -15.40 12.29 -14.54
C GLU B 343 -14.95 13.43 -13.63
N THR B 344 -15.42 14.64 -13.95
CA THR B 344 -15.10 15.83 -13.13
C THR B 344 -16.33 16.76 -13.17
N GLU B 345 -16.36 17.73 -12.28
CA GLU B 345 -17.49 18.70 -12.20
C GLU B 345 -17.62 19.46 -13.52
N ALA B 346 -18.85 19.65 -14.01
CA ALA B 346 -19.10 20.43 -15.25
C ALA B 346 -17.79 20.61 -16.00
#